data_5E8O
#
_entry.id   5E8O
#
_cell.length_a   90.859
_cell.length_b   123.330
_cell.length_c   97.552
_cell.angle_alpha   90.00
_cell.angle_beta   104.67
_cell.angle_gamma   90.00
#
_symmetry.space_group_name_H-M   'I 1 2 1'
#
loop_
_entity.id
_entity.type
_entity.pdbx_description
1 polymer 'H-2 class I histocompatibility antigen, D-B alpha chain'
2 polymer 'Ceramide synthase 5'
3 polymer Beta-2-microglobulin
4 water water
#
loop_
_entity_poly.entity_id
_entity_poly.type
_entity_poly.pdbx_seq_one_letter_code
_entity_poly.pdbx_strand_id
1 'polypeptide(L)'
;GPHSMRYFETAVSRPGLEEPRYISVGYVDNKEFVRFDSDAENPRYEPRAPWMEQEGPEYWERETQKAKGQEQWFRVSLRN
LLGYYNQSAGGSHTLQQMSGCDLGSDWRLLRGYLQFAYEGRDYIALNEDLKTWTAADMAAQITRRKWEQSGAAEHYKAYL
EGECVEWLHRYLKNGNATLLRTDSPKAHVTHHPRSKGEVTLRCWALGFYPADITLTWQLNGEELTQDMELVETRPAGDGT
FQKWASVVVPLGKEQNYTCRVYHEGLPEPLTLRWEP
;
A,D
2 'polypeptide(L)' M(ABA)LRMTAVM C,F
3 'polypeptide(L)'
;IQKTPQIQVYSRHPPENGKPNILNCYVTQFHPPHIEIQMLKNGKKIPKVEMSDMSFSKDWSFYILAHTEFTPTETDTYAC
RVKHDSMAEPKTVYWDRDM
;
B,E
#
# COMPACT_ATOMS: atom_id res chain seq x y z
N GLY A 1 0.36 8.15 -7.67
CA GLY A 1 0.04 7.20 -6.60
C GLY A 1 -0.94 6.14 -7.05
N PRO A 2 -1.39 5.29 -6.12
CA PRO A 2 -2.28 4.18 -6.49
C PRO A 2 -3.66 4.70 -6.87
N HIS A 3 -4.45 3.81 -7.47
CA HIS A 3 -5.79 4.17 -7.96
C HIS A 3 -6.73 2.99 -7.77
N SER A 4 -8.03 3.31 -7.75
CA SER A 4 -9.06 2.30 -7.49
C SER A 4 -10.35 2.64 -8.23
N MET A 5 -11.10 1.59 -8.55
CA MET A 5 -12.50 1.69 -8.94
C MET A 5 -13.31 0.73 -8.06
N ARG A 6 -14.50 1.17 -7.66
CA ARG A 6 -15.45 0.32 -6.94
C ARG A 6 -16.85 0.70 -7.36
N TYR A 7 -17.71 -0.31 -7.46
CA TYR A 7 -19.15 -0.09 -7.43
C TYR A 7 -19.72 -0.69 -6.15
N PHE A 8 -20.48 0.10 -5.42
CA PHE A 8 -21.20 -0.33 -4.24
C PHE A 8 -22.65 -0.47 -4.63
N GLU A 9 -23.19 -1.69 -4.56
CA GLU A 9 -24.56 -1.94 -4.99
C GLU A 9 -25.40 -2.38 -3.81
N THR A 10 -26.66 -1.93 -3.80
CA THR A 10 -27.62 -2.28 -2.74
C THR A 10 -28.95 -2.67 -3.37
N ALA A 11 -29.51 -3.78 -2.90
CA ALA A 11 -30.88 -4.18 -3.18
C ALA A 11 -31.61 -4.32 -1.86
N VAL A 12 -32.75 -3.63 -1.72
CA VAL A 12 -33.42 -3.48 -0.44
C VAL A 12 -34.86 -3.92 -0.61
N SER A 13 -35.31 -4.85 0.23
CA SER A 13 -36.72 -5.18 0.34
C SER A 13 -37.23 -4.73 1.70
N ARG A 14 -38.47 -4.23 1.72
CA ARG A 14 -39.17 -3.81 2.93
C ARG A 14 -40.58 -4.36 2.81
N PRO A 15 -41.30 -4.50 3.93
CA PRO A 15 -42.56 -5.27 3.88
C PRO A 15 -43.63 -4.65 2.99
N GLY A 16 -43.64 -3.33 2.85
CA GLY A 16 -44.61 -2.68 2.00
C GLY A 16 -44.33 -2.71 0.52
N LEU A 17 -43.05 -2.59 0.13
CA LEU A 17 -42.68 -2.34 -1.25
C LEU A 17 -43.08 -3.49 -2.17
N GLU A 18 -43.36 -3.15 -3.42
CA GLU A 18 -43.74 -4.15 -4.42
C GLU A 18 -42.57 -5.08 -4.74
N GLU A 19 -41.47 -4.52 -5.23
CA GLU A 19 -40.24 -5.22 -5.50
C GLU A 19 -39.12 -4.41 -4.87
N PRO A 20 -37.90 -4.95 -4.84
CA PRO A 20 -36.81 -4.24 -4.18
C PRO A 20 -36.44 -2.95 -4.87
N ARG A 21 -35.71 -2.11 -4.13
CA ARG A 21 -35.03 -0.96 -4.71
C ARG A 21 -33.57 -1.33 -4.95
N TYR A 22 -33.09 -1.00 -6.14
CA TYR A 22 -31.72 -1.28 -6.55
C TYR A 22 -30.98 0.04 -6.74
N ILE A 23 -29.83 0.18 -6.10
CA ILE A 23 -28.98 1.35 -6.21
C ILE A 23 -27.56 0.89 -6.52
N SER A 24 -26.92 1.51 -7.49
CA SER A 24 -25.54 1.23 -7.81
C SER A 24 -24.76 2.54 -7.82
N VAL A 25 -23.68 2.59 -7.04
CA VAL A 25 -22.83 3.76 -6.93
C VAL A 25 -21.42 3.36 -7.31
N GLY A 26 -20.86 4.04 -8.30
CA GLY A 26 -19.50 3.80 -8.73
C GLY A 26 -18.55 4.84 -8.17
N TYR A 27 -17.36 4.40 -7.78
CA TYR A 27 -16.31 5.25 -7.25
C TYR A 27 -15.05 5.12 -8.09
N VAL A 28 -14.36 6.24 -8.30
CA VAL A 28 -12.98 6.24 -8.79
C VAL A 28 -12.15 7.00 -7.76
N ASP A 29 -11.08 6.35 -7.28
CA ASP A 29 -10.25 6.86 -6.18
C ASP A 29 -11.12 7.38 -5.03
N ASN A 30 -12.11 6.56 -4.65
CA ASN A 30 -12.99 6.80 -3.51
C ASN A 30 -13.87 8.03 -3.67
N LYS A 31 -14.07 8.52 -4.89
CA LYS A 31 -15.01 9.60 -5.14
C LYS A 31 -16.08 9.14 -6.11
N GLU A 32 -17.32 9.33 -5.70
CA GLU A 32 -18.47 8.90 -6.50
C GLU A 32 -18.50 9.59 -7.86
N PHE A 33 -18.74 8.82 -8.92
CA PHE A 33 -18.71 9.39 -10.26
C PHE A 33 -19.89 8.97 -11.14
N VAL A 34 -20.64 7.93 -10.79
CA VAL A 34 -21.88 7.56 -11.46
C VAL A 34 -22.83 6.99 -10.41
N ARG A 35 -24.13 6.97 -10.71
CA ARG A 35 -25.12 6.42 -9.79
C ARG A 35 -26.36 6.00 -10.58
N PHE A 36 -26.84 4.79 -10.32
CA PHE A 36 -28.11 4.28 -10.78
C PHE A 36 -29.03 4.10 -9.57
N ASP A 37 -30.30 4.49 -9.71
CA ASP A 37 -31.26 4.32 -8.62
C ASP A 37 -32.60 3.93 -9.22
N SER A 38 -33.06 2.70 -8.96
CA SER A 38 -34.34 2.26 -9.52
C SER A 38 -35.51 3.12 -9.07
N ASP A 39 -35.35 3.95 -8.04
CA ASP A 39 -36.48 4.74 -7.55
C ASP A 39 -36.70 6.00 -8.36
N ALA A 40 -35.73 6.39 -9.19
CA ALA A 40 -35.85 7.58 -10.03
C ALA A 40 -37.00 7.44 -11.02
N GLU A 41 -37.47 8.59 -11.50
CA GLU A 41 -38.60 8.59 -12.44
C GLU A 41 -38.23 7.86 -13.73
N ASN A 42 -37.03 8.10 -14.26
CA ASN A 42 -36.52 7.35 -15.39
C ASN A 42 -35.16 6.75 -15.00
N PRO A 43 -35.15 5.52 -14.48
CA PRO A 43 -33.91 4.97 -13.92
C PRO A 43 -32.83 4.83 -14.97
N ARG A 44 -31.65 5.35 -14.64
CA ARG A 44 -30.51 5.31 -15.57
C ARG A 44 -29.26 5.58 -14.76
N TYR A 45 -28.13 5.09 -15.24
CA TYR A 45 -26.86 5.58 -14.71
C TYR A 45 -26.70 7.05 -15.08
N GLU A 46 -26.21 7.84 -14.12
CA GLU A 46 -26.06 9.26 -14.33
C GLU A 46 -24.69 9.74 -13.87
N PRO A 47 -24.08 10.69 -14.57
CA PRO A 47 -22.78 11.23 -14.12
C PRO A 47 -22.94 11.93 -12.78
N ARG A 48 -21.90 11.84 -11.97
CA ARG A 48 -21.88 12.41 -10.65
C ARG A 48 -20.66 13.29 -10.42
N ALA A 49 -19.81 13.44 -11.43
CA ALA A 49 -18.67 14.32 -11.44
C ALA A 49 -18.64 14.91 -12.84
N PRO A 50 -18.36 16.21 -12.99
CA PRO A 50 -18.50 16.85 -14.30
C PRO A 50 -17.66 16.17 -15.38
N TRP A 51 -16.49 15.63 -15.03
CA TRP A 51 -15.63 15.01 -16.05
C TRP A 51 -16.25 13.77 -16.67
N MET A 52 -17.31 13.20 -16.08
CA MET A 52 -17.94 12.05 -16.68
C MET A 52 -18.94 12.41 -17.77
N GLU A 53 -19.36 13.68 -17.87
CA GLU A 53 -20.27 13.99 -18.97
C GLU A 53 -19.59 13.89 -20.32
N GLN A 54 -18.27 13.69 -20.36
CA GLN A 54 -17.60 13.36 -21.62
C GLN A 54 -18.17 12.13 -22.28
N GLU A 55 -18.77 11.21 -21.51
CA GLU A 55 -19.25 9.98 -22.10
C GLU A 55 -20.53 10.24 -22.90
N GLY A 56 -20.58 9.72 -24.13
CA GLY A 56 -21.70 9.95 -25.00
C GLY A 56 -22.91 9.12 -24.64
N PRO A 57 -23.99 9.34 -25.41
CA PRO A 57 -25.28 8.72 -25.06
C PRO A 57 -25.24 7.20 -25.02
N GLU A 58 -24.50 6.55 -25.91
CA GLU A 58 -24.57 5.11 -25.93
C GLU A 58 -23.85 4.47 -24.73
N TYR A 59 -22.86 5.14 -24.15
CA TYR A 59 -22.34 4.67 -22.86
C TYR A 59 -23.45 4.56 -21.83
N TRP A 60 -24.21 5.64 -21.66
CA TRP A 60 -25.24 5.66 -20.63
C TRP A 60 -26.36 4.69 -20.93
N GLU A 61 -26.76 4.58 -22.20
CA GLU A 61 -27.81 3.62 -22.53
C GLU A 61 -27.37 2.19 -22.26
N ARG A 62 -26.13 1.87 -22.65
CA ARG A 62 -25.61 0.51 -22.43
C ARG A 62 -25.54 0.20 -20.95
N GLU A 63 -24.93 1.11 -20.18
CA GLU A 63 -24.74 0.86 -18.76
C GLU A 63 -26.08 0.82 -18.03
N THR A 64 -27.02 1.65 -18.46
CA THR A 64 -28.37 1.62 -17.90
C THR A 64 -29.04 0.26 -18.15
N GLN A 65 -28.91 -0.28 -19.36
CA GLN A 65 -29.58 -1.55 -19.62
C GLN A 65 -28.91 -2.69 -18.85
N LYS A 66 -27.60 -2.60 -18.60
CA LYS A 66 -26.95 -3.58 -17.72
C LYS A 66 -27.53 -3.51 -16.31
N ALA A 67 -27.74 -2.29 -15.79
CA ALA A 67 -28.23 -2.10 -14.43
C ALA A 67 -29.64 -2.65 -14.28
N LYS A 68 -30.46 -2.52 -15.33
CA LYS A 68 -31.77 -3.14 -15.25
C LYS A 68 -31.62 -4.65 -15.18
N GLY A 69 -30.57 -5.19 -15.80
CA GLY A 69 -30.31 -6.62 -15.67
C GLY A 69 -29.87 -7.00 -14.27
N GLN A 70 -28.98 -6.19 -13.67
CA GLN A 70 -28.53 -6.46 -12.31
C GLN A 70 -29.68 -6.31 -11.32
N GLU A 71 -30.59 -5.38 -11.58
CA GLU A 71 -31.77 -5.23 -10.72
C GLU A 71 -32.55 -6.54 -10.65
N GLN A 72 -32.77 -7.19 -11.80
CA GLN A 72 -33.46 -8.48 -11.81
C GLN A 72 -32.62 -9.57 -11.17
N TRP A 73 -31.30 -9.52 -11.35
CA TRP A 73 -30.40 -10.44 -10.67
C TRP A 73 -30.53 -10.33 -9.15
N PHE A 74 -30.60 -9.11 -8.63
CA PHE A 74 -30.77 -8.90 -7.19
C PHE A 74 -32.15 -9.35 -6.71
N ARG A 75 -33.19 -9.12 -7.52
CA ARG A 75 -34.55 -9.52 -7.16
C ARG A 75 -34.62 -11.02 -6.94
N VAL A 76 -34.16 -11.81 -7.91
CA VAL A 76 -34.11 -13.27 -7.80
C VAL A 76 -33.23 -13.69 -6.64
N SER A 77 -32.07 -13.04 -6.49
CA SER A 77 -31.16 -13.44 -5.43
C SER A 77 -31.79 -13.20 -4.06
N LEU A 78 -32.46 -12.06 -3.87
CA LEU A 78 -33.15 -11.80 -2.61
C LEU A 78 -34.23 -12.84 -2.34
N ARG A 79 -35.00 -13.20 -3.36
CA ARG A 79 -35.99 -14.25 -3.18
C ARG A 79 -35.33 -15.57 -2.79
N ASN A 80 -34.21 -15.91 -3.42
CA ASN A 80 -33.57 -17.18 -3.10
C ASN A 80 -33.06 -17.19 -1.66
N LEU A 81 -32.47 -16.07 -1.20
CA LEU A 81 -31.86 -16.03 0.13
C LEU A 81 -32.92 -16.15 1.22
N LEU A 82 -34.08 -15.54 0.99
CA LEU A 82 -35.22 -15.69 1.88
C LEU A 82 -35.45 -17.16 2.22
N GLY A 83 -35.42 -18.01 1.19
CA GLY A 83 -35.60 -19.43 1.41
C GLY A 83 -34.39 -20.08 2.04
N TYR A 84 -33.18 -19.64 1.67
CA TYR A 84 -31.99 -20.29 2.23
C TYR A 84 -31.97 -20.16 3.75
N TYR A 85 -32.41 -19.03 4.29
CA TYR A 85 -32.40 -18.76 5.72
C TYR A 85 -33.74 -19.04 6.37
N ASN A 86 -34.71 -19.58 5.62
CA ASN A 86 -36.00 -19.94 6.20
C ASN A 86 -36.59 -18.72 6.88
N GLN A 87 -36.50 -17.58 6.20
CA GLN A 87 -37.10 -16.35 6.65
C GLN A 87 -38.48 -16.29 6.03
N SER A 88 -39.45 -15.92 6.83
CA SER A 88 -40.80 -15.91 6.29
C SER A 88 -41.05 -14.56 5.63
N ALA A 89 -42.28 -14.37 5.17
CA ALA A 89 -42.68 -13.07 4.63
C ALA A 89 -42.74 -12.04 5.76
N GLY A 90 -42.69 -10.76 5.39
CA GLY A 90 -42.97 -9.70 6.32
C GLY A 90 -41.80 -9.04 7.02
N GLY A 91 -40.59 -9.13 6.48
CA GLY A 91 -39.43 -8.49 7.05
C GLY A 91 -38.78 -7.51 6.07
N SER A 92 -37.69 -6.90 6.53
CA SER A 92 -36.83 -6.07 5.70
C SER A 92 -35.54 -6.80 5.42
N HIS A 93 -35.09 -6.80 4.18
CA HIS A 93 -33.91 -7.58 3.83
C HIS A 93 -32.99 -6.76 2.93
N THR A 94 -31.68 -7.03 3.04
CA THR A 94 -30.69 -6.23 2.33
C THR A 94 -29.60 -7.11 1.72
N LEU A 95 -29.37 -6.92 0.43
CA LEU A 95 -28.21 -7.46 -0.26
C LEU A 95 -27.32 -6.28 -0.60
N GLN A 96 -26.03 -6.44 -0.36
CA GLN A 96 -25.06 -5.41 -0.70
C GLN A 96 -23.91 -6.08 -1.42
N GLN A 97 -23.28 -5.34 -2.34
CA GLN A 97 -22.17 -5.84 -3.11
C GLN A 97 -21.14 -4.72 -3.29
N MET A 98 -19.87 -5.08 -3.17
CA MET A 98 -18.76 -4.23 -3.55
C MET A 98 -17.88 -5.01 -4.51
N SER A 99 -17.45 -4.33 -5.58
CA SER A 99 -16.61 -4.97 -6.58
C SER A 99 -15.74 -3.91 -7.24
N GLY A 100 -14.60 -4.31 -7.75
CA GLY A 100 -13.71 -3.34 -8.37
C GLY A 100 -12.27 -3.79 -8.32
N CYS A 101 -11.38 -2.85 -8.63
CA CYS A 101 -9.96 -3.15 -8.78
C CYS A 101 -9.13 -2.05 -8.12
N ASP A 102 -8.00 -2.44 -7.53
CA ASP A 102 -6.99 -1.52 -7.04
C ASP A 102 -5.82 -1.52 -8.02
N LEU A 103 -5.28 -0.34 -8.31
CA LEU A 103 -4.14 -0.21 -9.21
C LEU A 103 -2.93 0.31 -8.45
N GLY A 104 -1.76 -0.24 -8.74
CA GLY A 104 -0.54 0.32 -8.21
C GLY A 104 -0.30 1.72 -8.76
N SER A 105 0.71 2.38 -8.21
CA SER A 105 1.12 3.66 -8.78
C SER A 105 1.67 3.51 -10.20
N ASP A 106 2.04 2.29 -10.61
CA ASP A 106 2.39 2.04 -12.01
C ASP A 106 1.18 1.80 -12.89
N TRP A 107 -0.03 1.94 -12.33
CA TRP A 107 -1.31 1.72 -13.02
C TRP A 107 -1.57 0.26 -13.36
N ARG A 108 -0.79 -0.68 -12.84
CA ARG A 108 -1.07 -2.11 -13.00
C ARG A 108 -2.00 -2.62 -11.90
N LEU A 109 -2.68 -3.73 -12.19
CA LEU A 109 -3.62 -4.30 -11.22
C LEU A 109 -2.89 -4.82 -9.99
N LEU A 110 -3.29 -4.34 -8.81
CA LEU A 110 -2.87 -4.93 -7.55
C LEU A 110 -3.80 -6.06 -7.13
N ARG A 111 -5.09 -5.77 -7.02
CA ARG A 111 -6.06 -6.72 -6.50
C ARG A 111 -7.45 -6.44 -7.06
N GLY A 112 -8.20 -7.50 -7.32
CA GLY A 112 -9.61 -7.39 -7.65
C GLY A 112 -10.49 -7.79 -6.47
N TYR A 113 -11.72 -7.27 -6.47
CA TYR A 113 -12.64 -7.46 -5.35
C TYR A 113 -14.02 -7.81 -5.85
N LEU A 114 -14.67 -8.69 -5.12
CA LEU A 114 -16.08 -9.00 -5.37
C LEU A 114 -16.58 -9.64 -4.08
N GLN A 115 -17.31 -8.87 -3.29
CA GLN A 115 -17.80 -9.32 -2.00
C GLN A 115 -19.29 -9.02 -1.89
N PHE A 116 -20.00 -9.83 -1.12
CA PHE A 116 -21.44 -9.66 -0.89
C PHE A 116 -21.75 -9.73 0.59
N ALA A 117 -22.76 -8.99 1.01
CA ALA A 117 -23.31 -9.12 2.36
C ALA A 117 -24.81 -9.28 2.26
N TYR A 118 -25.36 -10.08 3.17
CA TYR A 118 -26.79 -10.21 3.34
C TYR A 118 -27.13 -9.79 4.77
N GLU A 119 -28.11 -8.91 4.90
CA GLU A 119 -28.47 -8.34 6.21
C GLU A 119 -27.28 -7.62 6.85
N GLY A 120 -26.36 -7.13 6.03
CA GLY A 120 -25.20 -6.43 6.55
C GLY A 120 -24.10 -7.31 7.08
N ARG A 121 -24.14 -8.61 6.85
CA ARG A 121 -23.11 -9.54 7.30
C ARG A 121 -22.55 -10.29 6.10
N ASP A 122 -21.25 -10.61 6.16
CA ASP A 122 -20.55 -11.22 5.03
C ASP A 122 -21.30 -12.45 4.57
N TYR A 123 -21.54 -12.54 3.26
CA TYR A 123 -22.29 -13.67 2.74
C TYR A 123 -21.38 -14.55 1.89
N ILE A 124 -20.77 -13.97 0.85
CA ILE A 124 -19.83 -14.69 0.00
C ILE A 124 -18.92 -13.66 -0.65
N ALA A 125 -17.65 -14.03 -0.84
CA ALA A 125 -16.66 -13.18 -1.51
C ALA A 125 -15.78 -14.04 -2.39
N LEU A 126 -15.35 -13.44 -3.50
CA LEU A 126 -14.30 -14.00 -4.34
C LEU A 126 -12.96 -13.83 -3.66
N ASN A 127 -12.18 -14.91 -3.59
CA ASN A 127 -10.88 -14.85 -2.95
C ASN A 127 -9.89 -14.11 -3.85
N GLU A 128 -8.78 -13.67 -3.25
CA GLU A 128 -7.82 -12.85 -3.97
C GLU A 128 -7.28 -13.57 -5.22
N ASP A 129 -7.28 -14.90 -5.22
CA ASP A 129 -6.89 -15.66 -6.40
C ASP A 129 -7.84 -15.48 -7.58
N LEU A 130 -9.03 -14.91 -7.37
CA LEU A 130 -10.05 -14.73 -8.40
C LEU A 130 -10.50 -16.04 -9.01
N LYS A 131 -10.36 -17.13 -8.26
CA LYS A 131 -10.73 -18.45 -8.75
C LYS A 131 -11.63 -19.20 -7.77
N THR A 132 -11.49 -18.93 -6.47
CA THR A 132 -12.25 -19.64 -5.45
C THR A 132 -13.03 -18.67 -4.57
N TRP A 133 -14.07 -19.20 -3.93
CA TRP A 133 -15.00 -18.41 -3.13
C TRP A 133 -14.90 -18.77 -1.65
N THR A 134 -15.10 -17.77 -0.80
CA THR A 134 -15.27 -17.96 0.64
C THR A 134 -16.71 -17.60 1.04
N ALA A 135 -17.35 -18.47 1.82
CA ALA A 135 -18.70 -18.25 2.30
C ALA A 135 -18.81 -18.78 3.73
N ALA A 136 -19.18 -17.92 4.69
CA ALA A 136 -19.22 -18.34 6.09
C ALA A 136 -20.44 -19.20 6.40
N ASP A 137 -21.64 -18.70 6.13
CA ASP A 137 -22.86 -19.36 6.58
C ASP A 137 -23.10 -20.69 5.88
N MET A 138 -23.79 -21.58 6.56
CA MET A 138 -24.28 -22.80 5.92
C MET A 138 -25.20 -22.47 4.76
N ALA A 139 -25.99 -21.40 4.89
CA ALA A 139 -26.89 -21.01 3.81
C ALA A 139 -26.11 -20.56 2.58
N ALA A 140 -24.97 -19.93 2.77
CA ALA A 140 -24.21 -19.40 1.64
C ALA A 140 -23.50 -20.50 0.84
N GLN A 141 -23.30 -21.69 1.42
CA GLN A 141 -22.67 -22.76 0.66
C GLN A 141 -23.48 -23.14 -0.57
N ILE A 142 -24.80 -22.99 -0.51
CA ILE A 142 -25.65 -23.24 -1.66
C ILE A 142 -25.24 -22.35 -2.83
N THR A 143 -25.03 -21.06 -2.56
CA THR A 143 -24.59 -20.15 -3.61
C THR A 143 -23.19 -20.52 -4.10
N ARG A 144 -22.26 -20.79 -3.19
CA ARG A 144 -20.91 -21.16 -3.63
C ARG A 144 -20.95 -22.35 -4.59
N ARG A 145 -21.69 -23.39 -4.24
CA ARG A 145 -21.73 -24.57 -5.10
C ARG A 145 -22.39 -24.25 -6.43
N LYS A 146 -23.45 -23.45 -6.44
CA LYS A 146 -24.01 -23.02 -7.73
C LYS A 146 -22.95 -22.29 -8.55
N TRP A 147 -22.24 -21.35 -7.93
CA TRP A 147 -21.29 -20.55 -8.69
C TRP A 147 -20.07 -21.36 -9.10
N GLU A 148 -19.63 -22.29 -8.26
CA GLU A 148 -18.56 -23.19 -8.68
C GLU A 148 -18.98 -24.01 -9.89
N GLN A 149 -20.21 -24.54 -9.86
CA GLN A 149 -20.66 -25.41 -10.95
C GLN A 149 -20.72 -24.66 -12.29
N SER A 150 -21.15 -23.41 -12.28
CA SER A 150 -21.31 -22.66 -13.50
C SER A 150 -20.04 -21.96 -13.95
N GLY A 151 -18.94 -22.10 -13.19
CA GLY A 151 -17.71 -21.41 -13.51
C GLY A 151 -17.82 -19.90 -13.52
N ALA A 152 -18.71 -19.34 -12.69
CA ALA A 152 -18.95 -17.90 -12.71
C ALA A 152 -17.69 -17.10 -12.41
N ALA A 153 -16.85 -17.57 -11.49
CA ALA A 153 -15.64 -16.82 -11.15
C ALA A 153 -14.75 -16.52 -12.37
N GLU A 154 -14.84 -17.32 -13.43
CA GLU A 154 -14.03 -17.05 -14.61
C GLU A 154 -14.44 -15.75 -15.30
N HIS A 155 -15.74 -15.50 -15.47
CA HIS A 155 -16.18 -14.22 -16.01
C HIS A 155 -15.75 -13.08 -15.10
N TYR A 156 -15.81 -13.27 -13.78
CA TYR A 156 -15.45 -12.18 -12.88
C TYR A 156 -13.95 -11.94 -12.90
N LYS A 157 -13.15 -12.99 -12.99
CA LYS A 157 -11.71 -12.80 -13.11
C LYS A 157 -11.39 -12.02 -14.36
N ALA A 158 -12.04 -12.35 -15.47
CA ALA A 158 -11.83 -11.63 -16.72
C ALA A 158 -12.19 -10.16 -16.59
N TYR A 159 -13.34 -9.86 -15.96
CA TYR A 159 -13.68 -8.47 -15.71
C TYR A 159 -12.60 -7.78 -14.85
N LEU A 160 -12.29 -8.34 -13.68
CA LEU A 160 -11.43 -7.65 -12.74
C LEU A 160 -10.02 -7.40 -13.30
N GLU A 161 -9.51 -8.33 -14.12
CA GLU A 161 -8.19 -8.16 -14.73
C GLU A 161 -8.23 -7.43 -16.06
N GLY A 162 -9.38 -7.37 -16.72
CA GLY A 162 -9.47 -6.73 -18.02
C GLY A 162 -10.24 -5.44 -18.01
N GLU A 163 -11.57 -5.52 -18.20
CA GLU A 163 -12.36 -4.30 -18.34
C GLU A 163 -12.23 -3.39 -17.14
N CYS A 164 -12.12 -3.94 -15.92
CA CYS A 164 -12.02 -3.08 -14.74
C CYS A 164 -10.78 -2.19 -14.84
N VAL A 165 -9.64 -2.79 -15.18
CA VAL A 165 -8.42 -2.00 -15.35
C VAL A 165 -8.55 -1.08 -16.56
N GLU A 166 -9.09 -1.59 -17.66
CA GLU A 166 -9.10 -0.82 -18.89
C GLU A 166 -9.99 0.41 -18.77
N TRP A 167 -11.18 0.25 -18.18
CA TRP A 167 -12.05 1.41 -18.03
C TRP A 167 -11.56 2.35 -16.94
N LEU A 168 -10.94 1.83 -15.87
CA LEU A 168 -10.35 2.72 -14.87
C LEU A 168 -9.26 3.59 -15.47
N HIS A 169 -8.46 3.03 -16.40
CA HIS A 169 -7.47 3.87 -17.09
C HIS A 169 -8.15 4.96 -17.90
N ARG A 170 -9.21 4.61 -18.63
CA ARG A 170 -9.98 5.62 -19.36
C ARG A 170 -10.49 6.71 -18.42
N TYR A 171 -11.05 6.30 -17.28
CA TYR A 171 -11.58 7.30 -16.34
C TYR A 171 -10.46 8.17 -15.77
N LEU A 172 -9.34 7.55 -15.39
CA LEU A 172 -8.24 8.32 -14.81
C LEU A 172 -7.77 9.42 -15.76
N LYS A 173 -7.73 9.10 -17.06
CA LYS A 173 -7.34 10.12 -18.03
C LYS A 173 -8.40 11.20 -18.14
N ASN A 174 -9.67 10.82 -18.21
CA ASN A 174 -10.71 11.83 -18.45
C ASN A 174 -10.89 12.75 -17.26
N GLY A 175 -10.57 12.28 -16.06
CA GLY A 175 -10.69 13.12 -14.88
C GLY A 175 -9.32 13.41 -14.30
N ASN A 176 -8.40 13.89 -15.14
CA ASN A 176 -7.02 14.03 -14.72
C ASN A 176 -6.74 15.46 -14.25
N ARG A 181 -6.53 15.54 -6.26
CA ARG A 181 -5.62 16.33 -5.44
C ARG A 181 -5.89 16.11 -3.95
N THR A 182 -5.10 16.77 -3.10
CA THR A 182 -5.27 16.70 -1.66
C THR A 182 -5.36 18.10 -1.08
N ASP A 183 -6.00 18.19 0.09
CA ASP A 183 -6.09 19.42 0.86
C ASP A 183 -5.53 19.14 2.25
N SER A 184 -4.49 19.87 2.63
CA SER A 184 -3.91 19.67 3.94
C SER A 184 -4.83 20.23 5.02
N PRO A 185 -4.89 19.60 6.19
CA PRO A 185 -5.68 20.13 7.29
C PRO A 185 -5.10 21.44 7.82
N LYS A 186 -5.99 22.35 8.21
CA LYS A 186 -5.63 23.52 9.02
C LYS A 186 -5.99 23.23 10.46
N ALA A 187 -5.03 23.41 11.36
CA ALA A 187 -5.21 22.99 12.74
C ALA A 187 -5.12 24.19 13.68
N HIS A 188 -5.93 24.15 14.74
CA HIS A 188 -5.84 25.13 15.81
C HIS A 188 -6.34 24.49 17.10
N VAL A 189 -5.95 25.09 18.23
CA VAL A 189 -6.32 24.59 19.55
C VAL A 189 -7.28 25.59 20.20
N THR A 190 -8.39 25.08 20.72
CA THR A 190 -9.32 25.87 21.50
C THR A 190 -9.21 25.47 22.96
N HIS A 191 -9.46 26.45 23.83
CA HIS A 191 -9.33 26.32 25.27
C HIS A 191 -10.72 26.33 25.88
N HIS A 192 -11.02 25.34 26.72
CA HIS A 192 -12.36 25.23 27.28
C HIS A 192 -12.27 25.12 28.79
N PRO A 193 -12.30 26.27 29.50
CA PRO A 193 -12.43 26.26 30.96
C PRO A 193 -13.58 25.39 31.39
N ARG A 194 -13.24 24.33 32.12
CA ARG A 194 -14.16 23.26 32.42
C ARG A 194 -14.55 23.25 33.89
N SER A 195 -13.62 22.90 34.78
CA SER A 195 -13.87 22.81 36.20
C SER A 195 -12.85 23.65 36.95
N LYS A 196 -12.93 23.60 38.27
CA LYS A 196 -11.86 24.14 39.09
C LYS A 196 -10.53 23.46 38.77
N GLY A 197 -10.55 22.13 38.67
CA GLY A 197 -9.31 21.38 38.58
C GLY A 197 -8.49 21.68 37.33
N GLU A 198 -9.12 21.59 36.16
CA GLU A 198 -8.34 21.57 34.91
C GLU A 198 -9.12 22.23 33.78
N VAL A 199 -8.56 22.15 32.56
CA VAL A 199 -9.22 22.54 31.31
C VAL A 199 -9.04 21.47 30.24
N THR A 200 -9.94 21.55 29.27
CA THR A 200 -9.86 20.75 28.06
C THR A 200 -9.24 21.58 26.94
N LEU A 201 -8.28 20.99 26.24
CA LEU A 201 -7.75 21.54 25.01
C LEU A 201 -8.31 20.72 23.86
N ARG A 202 -8.83 21.40 22.83
CA ARG A 202 -9.46 20.72 21.70
C ARG A 202 -8.64 21.02 20.45
N CYS A 203 -8.00 20.00 19.91
CA CYS A 203 -7.19 20.14 18.71
C CYS A 203 -8.08 19.87 17.50
N TRP A 204 -8.32 20.91 16.71
CA TRP A 204 -9.17 20.84 15.52
C TRP A 204 -8.30 20.72 14.29
N ALA A 205 -8.70 19.83 13.37
CA ALA A 205 -8.18 19.78 12.02
C ALA A 205 -9.35 19.99 11.06
N LEU A 206 -9.19 20.94 10.15
CA LEU A 206 -10.29 21.36 9.27
C LEU A 206 -9.82 21.45 7.83
N GLY A 207 -10.78 21.28 6.92
CA GLY A 207 -10.58 21.55 5.50
C GLY A 207 -9.71 20.58 4.73
N PHE A 208 -9.63 19.32 5.15
CA PHE A 208 -8.68 18.40 4.54
C PHE A 208 -9.34 17.36 3.65
N TYR A 209 -8.53 16.76 2.79
CA TYR A 209 -8.97 15.70 1.89
C TYR A 209 -7.76 14.88 1.43
N PRO A 210 -7.87 13.53 1.42
CA PRO A 210 -9.01 12.69 1.85
C PRO A 210 -9.22 12.65 3.36
N ALA A 211 -10.18 11.82 3.79
CA ALA A 211 -10.63 11.88 5.17
C ALA A 211 -9.67 11.21 6.14
N ASP A 212 -8.74 10.38 5.66
CA ASP A 212 -7.85 9.66 6.56
C ASP A 212 -6.93 10.66 7.26
N ILE A 213 -6.94 10.63 8.59
CA ILE A 213 -6.18 11.60 9.39
C ILE A 213 -5.97 11.00 10.77
N THR A 214 -5.02 11.57 11.52
CA THR A 214 -4.77 11.12 12.88
C THR A 214 -4.35 12.29 13.75
N LEU A 215 -5.02 12.46 14.89
CA LEU A 215 -4.67 13.48 15.87
C LEU A 215 -4.20 12.81 17.15
N THR A 216 -3.14 13.38 17.76
CA THR A 216 -2.58 12.86 19.00
C THR A 216 -2.12 13.99 19.90
N TRP A 217 -2.48 13.92 21.18
CA TRP A 217 -1.97 14.76 22.24
C TRP A 217 -0.88 14.00 22.98
N GLN A 218 0.20 14.71 23.32
CA GLN A 218 1.28 14.11 24.11
C GLN A 218 1.65 15.08 25.21
N LEU A 219 1.75 14.55 26.44
CA LEU A 219 2.29 15.32 27.56
C LEU A 219 3.81 15.25 27.46
N ASN A 220 4.36 16.16 26.66
CA ASN A 220 5.81 16.34 26.49
C ASN A 220 6.51 15.06 26.02
N GLY A 221 5.79 14.16 25.35
CA GLY A 221 6.43 13.02 24.75
C GLY A 221 5.73 11.69 24.89
N GLU A 222 4.48 11.68 25.39
CA GLU A 222 3.74 10.44 25.61
C GLU A 222 2.34 10.55 25.03
N GLU A 223 2.10 9.84 23.91
CA GLU A 223 0.76 9.64 23.39
C GLU A 223 -0.14 9.08 24.49
N LEU A 224 -1.40 9.47 24.47
CA LEU A 224 -2.27 9.06 25.57
C LEU A 224 -3.67 8.79 25.05
N THR A 225 -4.14 7.57 25.30
CA THR A 225 -5.55 7.22 25.30
C THR A 225 -6.18 7.43 26.68
N GLN A 226 -5.44 8.02 27.62
CA GLN A 226 -5.96 8.30 28.95
C GLN A 226 -7.11 9.32 28.80
N ASP A 227 -8.25 8.80 28.38
CA ASP A 227 -9.47 9.58 28.19
C ASP A 227 -9.24 10.75 27.24
N MET A 228 -8.37 10.54 26.26
CA MET A 228 -8.40 11.40 25.09
C MET A 228 -9.73 11.19 24.39
N GLU A 229 -10.39 12.30 24.05
CA GLU A 229 -11.69 12.24 23.41
C GLU A 229 -11.58 12.74 21.98
N LEU A 230 -12.23 12.03 21.07
CA LEU A 230 -12.25 12.40 19.67
C LEU A 230 -13.65 12.19 19.10
N VAL A 231 -13.82 12.63 17.87
CA VAL A 231 -15.00 12.31 17.07
C VAL A 231 -14.52 11.57 15.84
N GLU A 232 -15.41 10.76 15.27
CA GLU A 232 -15.14 10.20 13.96
C GLU A 232 -15.00 11.33 12.94
N THR A 233 -14.00 11.20 12.07
CA THR A 233 -13.85 12.15 10.97
C THR A 233 -15.20 12.33 10.26
N ARG A 234 -15.51 13.58 9.93
CA ARG A 234 -16.85 13.89 9.46
C ARG A 234 -16.76 14.84 8.26
N PRO A 235 -17.69 14.73 7.31
CA PRO A 235 -17.66 15.61 6.13
C PRO A 235 -18.14 17.01 6.46
N ALA A 236 -17.38 18.01 6.02
CA ALA A 236 -17.87 19.37 6.12
C ALA A 236 -19.01 19.64 5.15
N GLY A 237 -19.14 18.85 4.08
CA GLY A 237 -20.18 19.04 3.08
C GLY A 237 -19.72 19.72 1.81
N ASP A 238 -18.50 20.25 1.79
CA ASP A 238 -17.97 20.96 0.64
C ASP A 238 -16.91 20.13 -0.08
N GLY A 239 -16.85 18.82 0.19
CA GLY A 239 -15.79 17.96 -0.27
C GLY A 239 -14.69 17.68 0.73
N THR A 240 -14.58 18.46 1.81
CA THR A 240 -13.51 18.28 2.79
C THR A 240 -14.07 17.73 4.11
N PHE A 241 -13.17 17.42 5.03
CA PHE A 241 -13.53 16.70 6.25
C PHE A 241 -13.00 17.42 7.48
N GLN A 242 -13.48 16.97 8.64
CA GLN A 242 -13.13 17.59 9.92
C GLN A 242 -12.87 16.51 10.96
N LYS A 243 -11.99 16.83 11.91
CA LYS A 243 -11.80 15.99 13.09
C LYS A 243 -11.26 16.84 14.23
N TRP A 244 -11.58 16.44 15.46
CA TRP A 244 -10.92 17.01 16.62
C TRP A 244 -10.65 15.94 17.66
N ALA A 245 -9.69 16.25 18.55
CA ALA A 245 -9.34 15.41 19.68
C ALA A 245 -9.06 16.30 20.88
N SER A 246 -9.51 15.87 22.06
CA SER A 246 -9.49 16.71 23.25
C SER A 246 -8.94 15.95 24.44
N VAL A 247 -8.39 16.71 25.39
CA VAL A 247 -7.75 16.17 26.60
C VAL A 247 -7.80 17.24 27.67
N VAL A 248 -7.83 16.81 28.94
CA VAL A 248 -7.82 17.67 30.13
C VAL A 248 -6.41 17.64 30.75
N VAL A 249 -5.90 18.83 31.12
CA VAL A 249 -4.55 19.06 31.64
C VAL A 249 -4.59 20.24 32.61
N PRO A 250 -4.33 20.03 33.87
CA PRO A 250 -4.14 21.08 34.86
C PRO A 250 -3.78 22.50 34.38
N LEU A 251 -4.43 23.51 34.99
CA LEU A 251 -4.25 24.92 34.58
C LEU A 251 -2.82 25.36 34.80
N GLY A 252 -2.35 26.26 33.93
CA GLY A 252 -0.98 26.73 34.00
C GLY A 252 0.02 25.79 33.41
N LYS A 253 -0.35 24.52 33.23
CA LYS A 253 0.41 23.54 32.47
C LYS A 253 -0.31 23.27 31.16
N GLU A 254 -0.54 24.32 30.36
CA GLU A 254 -1.18 24.14 29.05
C GLU A 254 -0.14 23.83 27.98
N GLN A 255 0.90 24.65 27.89
CA GLN A 255 1.91 24.46 26.86
C GLN A 255 2.86 23.30 27.17
N ASN A 256 2.56 22.52 28.21
CA ASN A 256 3.16 21.21 28.39
C ASN A 256 2.40 20.11 27.66
N TYR A 257 1.25 20.44 27.08
CA TYR A 257 0.51 19.52 26.22
C TYR A 257 0.58 20.02 24.78
N THR A 258 0.82 19.10 23.85
CA THR A 258 1.05 19.46 22.46
C THR A 258 0.41 18.43 21.53
N CYS A 259 -0.38 18.91 20.58
CA CYS A 259 -1.14 18.07 19.66
C CYS A 259 -0.38 17.87 18.36
N ARG A 260 -0.54 16.69 17.77
CA ARG A 260 0.08 16.35 16.50
C ARG A 260 -0.98 15.89 15.51
N VAL A 261 -0.87 16.38 14.27
CA VAL A 261 -1.80 16.07 13.20
C VAL A 261 -1.06 15.31 12.11
N TYR A 262 -1.57 14.14 11.76
CA TYR A 262 -1.00 13.31 10.69
C TYR A 262 -2.00 13.22 9.56
N HIS A 263 -1.59 13.71 8.38
CA HIS A 263 -2.39 13.67 7.17
C HIS A 263 -1.46 13.58 5.98
N GLU A 264 -1.91 12.85 4.95
CA GLU A 264 -1.06 12.50 3.81
C GLU A 264 -0.74 13.68 2.88
N GLY A 265 -1.37 14.83 3.06
CA GLY A 265 -1.00 15.99 2.26
C GLY A 265 0.05 16.86 2.89
N LEU A 266 0.42 16.52 4.11
CA LEU A 266 1.36 17.35 4.86
C LEU A 266 2.80 17.02 4.47
N PRO A 267 3.65 18.03 4.34
CA PRO A 267 5.09 17.74 4.17
C PRO A 267 5.66 17.02 5.38
N GLU A 268 5.20 17.36 6.58
CA GLU A 268 5.48 16.60 7.79
C GLU A 268 4.34 16.86 8.76
N PRO A 269 4.17 15.98 9.76
CA PRO A 269 3.09 16.20 10.74
C PRO A 269 3.20 17.59 11.35
N LEU A 270 2.04 18.15 11.69
CA LEU A 270 1.98 19.43 12.38
C LEU A 270 1.99 19.20 13.88
N THR A 271 2.86 19.92 14.58
CA THR A 271 2.87 19.97 16.04
C THR A 271 2.38 21.35 16.45
N LEU A 272 1.40 21.39 17.35
CA LEU A 272 0.81 22.68 17.71
C LEU A 272 0.39 22.67 19.16
N ARG A 273 0.47 23.84 19.77
CA ARG A 273 0.06 24.07 21.15
C ARG A 273 -1.00 25.18 21.19
N TRP A 274 -1.58 25.36 22.37
CA TRP A 274 -2.59 26.38 22.57
C TRP A 274 -1.98 27.79 22.47
N GLU A 275 -2.71 28.70 21.82
CA GLU A 275 -2.21 30.05 21.55
C GLU A 275 -3.22 31.11 21.96
N PRO A 276 -2.91 31.96 22.96
CA PRO A 276 -3.72 33.16 23.23
C PRO A 276 -3.34 34.35 22.35
N MET B 1 -17.14 1.33 -15.53
CA MET B 1 -18.06 0.30 -15.94
C MET B 1 -18.24 -0.82 -14.89
N LEU B 3 -19.22 -4.28 -12.95
CA LEU B 3 -19.27 -5.73 -13.19
C LEU B 3 -20.68 -6.25 -13.50
N ARG B 4 -20.77 -7.20 -14.44
CA ARG B 4 -22.01 -7.90 -14.77
C ARG B 4 -22.01 -9.25 -14.06
N MET B 5 -22.78 -9.37 -12.98
CA MET B 5 -23.02 -10.69 -12.41
C MET B 5 -23.76 -11.56 -13.42
N THR B 6 -23.48 -12.86 -13.40
CA THR B 6 -24.14 -13.81 -14.28
C THR B 6 -25.11 -14.66 -13.45
N ALA B 7 -24.66 -15.78 -12.89
CA ALA B 7 -25.58 -16.69 -12.23
C ALA B 7 -26.10 -16.08 -10.93
N VAL B 8 -27.40 -16.28 -10.68
CA VAL B 8 -28.03 -15.76 -9.47
C VAL B 8 -27.50 -16.50 -8.24
N MET B 9 -27.69 -15.87 -7.07
CA MET B 9 -27.35 -16.52 -5.81
C MET B 9 -28.11 -17.81 -5.56
N ILE C 1 -28.84 -8.20 11.49
CA ILE C 1 -28.92 -7.59 12.81
C ILE C 1 -29.01 -6.09 12.65
N GLN C 2 -29.84 -5.47 13.48
CA GLN C 2 -30.03 -4.02 13.43
C GLN C 2 -28.85 -3.30 14.07
N LYS C 3 -28.34 -2.26 13.40
CA LYS C 3 -27.25 -1.45 13.90
C LYS C 3 -27.74 -0.02 14.16
N THR C 4 -27.46 0.49 15.30
CA THR C 4 -28.07 1.73 15.75
C THR C 4 -27.27 2.92 15.25
N PRO C 5 -27.95 3.94 14.72
CA PRO C 5 -27.21 5.03 14.07
C PRO C 5 -26.38 5.81 15.08
N GLN C 6 -25.19 6.24 14.63
CA GLN C 6 -24.36 7.21 15.34
C GLN C 6 -24.52 8.57 14.66
N ILE C 7 -24.57 9.64 15.47
CA ILE C 7 -24.99 10.95 14.98
C ILE C 7 -24.00 12.00 15.44
N GLN C 8 -23.56 12.85 14.50
CA GLN C 8 -22.86 14.10 14.84
C GLN C 8 -23.64 15.27 14.28
N VAL C 9 -23.65 16.36 15.03
CA VAL C 9 -24.24 17.62 14.61
C VAL C 9 -23.18 18.70 14.79
N TYR C 10 -22.89 19.44 13.72
CA TYR C 10 -21.74 20.34 13.69
C TYR C 10 -21.89 21.25 12.50
N SER C 11 -21.16 22.36 12.52
CA SER C 11 -21.26 23.37 11.48
C SER C 11 -20.17 23.15 10.44
N ARG C 12 -20.46 23.54 9.20
CA ARG C 12 -19.44 23.47 8.16
C ARG C 12 -18.24 24.33 8.54
N HIS C 13 -18.49 25.57 8.94
CA HIS C 13 -17.44 26.53 9.23
C HIS C 13 -17.45 26.88 10.72
N PRO C 14 -16.30 27.28 11.28
CA PRO C 14 -16.30 27.80 12.65
C PRO C 14 -17.48 28.72 12.88
N PRO C 15 -18.27 28.44 13.92
CA PRO C 15 -19.49 29.21 14.14
C PRO C 15 -19.17 30.59 14.70
N GLU C 16 -19.84 31.59 14.14
CA GLU C 16 -19.78 32.97 14.63
C GLU C 16 -21.21 33.46 14.76
N ASN C 17 -21.57 33.92 15.95
CA ASN C 17 -22.94 34.33 16.19
C ASN C 17 -23.35 35.40 15.17
N GLY C 18 -24.54 35.23 14.60
CA GLY C 18 -25.03 36.17 13.60
C GLY C 18 -24.51 35.99 12.18
N LYS C 19 -23.58 35.05 11.96
CA LYS C 19 -22.96 34.84 10.66
C LYS C 19 -23.50 33.57 10.00
N PRO C 20 -23.98 33.67 8.75
CA PRO C 20 -24.63 32.51 8.12
C PRO C 20 -23.64 31.39 7.89
N ASN C 21 -24.14 30.16 8.02
CA ASN C 21 -23.28 28.99 8.09
C ASN C 21 -24.09 27.81 7.58
N ILE C 22 -23.52 26.61 7.66
CA ILE C 22 -24.20 25.38 7.25
C ILE C 22 -24.13 24.40 8.42
N LEU C 23 -25.28 23.89 8.84
CA LEU C 23 -25.35 22.92 9.94
C LEU C 23 -25.51 21.52 9.38
N ASN C 24 -24.60 20.63 9.77
CA ASN C 24 -24.61 19.25 9.32
C ASN C 24 -25.20 18.31 10.37
N CYS C 25 -25.93 17.29 9.89
CA CYS C 25 -26.27 16.11 10.70
C CYS C 25 -25.75 14.89 9.95
N TYR C 26 -24.65 14.34 10.46
CA TYR C 26 -23.97 13.20 9.88
C TYR C 26 -24.39 11.95 10.64
N VAL C 27 -24.98 11.00 9.93
CA VAL C 27 -25.58 9.78 10.53
C VAL C 27 -24.88 8.57 9.90
N THR C 28 -24.31 7.72 10.76
CA THR C 28 -23.46 6.62 10.33
C THR C 28 -23.83 5.32 11.05
N GLN C 29 -23.32 4.20 10.52
CA GLN C 29 -23.25 2.90 11.21
C GLN C 29 -24.62 2.30 11.47
N PHE C 30 -25.61 2.60 10.64
CA PHE C 30 -26.92 2.01 10.83
C PHE C 30 -27.22 0.98 9.75
N HIS C 31 -28.14 0.08 10.10
CA HIS C 31 -28.61 -0.99 9.24
C HIS C 31 -29.93 -1.48 9.81
N PRO C 32 -30.96 -1.67 8.96
CA PRO C 32 -31.02 -1.49 7.51
C PRO C 32 -31.02 -0.01 7.09
N PRO C 33 -30.91 0.28 5.78
CA PRO C 33 -30.70 1.67 5.36
C PRO C 33 -31.89 2.59 5.53
N HIS C 34 -33.12 2.09 5.64
CA HIS C 34 -34.25 3.01 5.82
C HIS C 34 -34.08 3.80 7.11
N ILE C 35 -34.28 5.11 7.04
CA ILE C 35 -34.01 6.00 8.17
C ILE C 35 -34.74 7.32 7.94
N GLU C 36 -35.18 7.93 9.03
CA GLU C 36 -35.87 9.22 8.99
C GLU C 36 -35.05 10.22 9.79
N ILE C 37 -34.73 11.37 9.19
CA ILE C 37 -33.87 12.36 9.83
C ILE C 37 -34.53 13.72 9.76
N GLN C 38 -34.56 14.42 10.90
CA GLN C 38 -35.13 15.74 10.97
C GLN C 38 -34.16 16.69 11.66
N MET C 39 -34.15 17.95 11.21
CA MET C 39 -33.32 18.98 11.82
C MET C 39 -34.23 20.05 12.40
N LEU C 40 -33.92 20.48 13.62
CA LEU C 40 -34.80 21.36 14.38
C LEU C 40 -34.06 22.60 14.86
N LYS C 41 -34.78 23.73 14.88
CA LYS C 41 -34.31 24.95 15.53
C LYS C 41 -35.29 25.28 16.63
N ASN C 42 -34.82 25.27 17.88
CA ASN C 42 -35.71 25.52 19.03
C ASN C 42 -36.92 24.61 18.99
N GLY C 43 -36.70 23.35 18.62
CA GLY C 43 -37.77 22.39 18.59
C GLY C 43 -38.71 22.47 17.40
N LYS C 44 -38.47 23.38 16.45
CA LYS C 44 -39.32 23.47 15.26
C LYS C 44 -38.59 22.84 14.07
N LYS C 45 -39.32 22.05 13.29
CA LYS C 45 -38.76 21.45 12.08
C LYS C 45 -38.19 22.53 11.15
N ILE C 46 -36.92 22.39 10.80
CA ILE C 46 -36.31 23.32 9.85
C ILE C 46 -36.78 22.95 8.45
N PRO C 47 -37.35 23.88 7.68
CA PRO C 47 -38.10 23.50 6.48
C PRO C 47 -37.26 22.93 5.35
N LYS C 48 -36.15 23.57 5.03
CA LYS C 48 -35.39 23.23 3.84
C LYS C 48 -34.13 22.47 4.26
N VAL C 49 -34.25 21.15 4.37
CA VAL C 49 -33.12 20.31 4.76
C VAL C 49 -32.71 19.45 3.57
N GLU C 50 -31.46 19.62 3.14
CA GLU C 50 -30.86 18.80 2.09
C GLU C 50 -30.40 17.47 2.65
N MET C 51 -30.53 16.43 1.84
CA MET C 51 -30.28 15.06 2.24
C MET C 51 -29.38 14.42 1.21
N SER C 52 -28.19 13.95 1.61
CA SER C 52 -27.35 13.20 0.68
C SER C 52 -28.00 11.89 0.25
N ASP C 53 -27.50 11.31 -0.84
CA ASP C 53 -27.99 10.04 -1.36
C ASP C 53 -27.39 8.87 -0.57
N MET C 54 -28.16 7.78 -0.49
N MET C 54 -28.17 7.82 -0.40
CA MET C 54 -27.76 6.56 0.20
CA MET C 54 -27.70 6.75 0.49
C MET C 54 -26.35 6.12 -0.21
C MET C 54 -26.48 6.07 -0.09
N SER C 55 -25.52 5.81 0.78
CA SER C 55 -24.21 5.24 0.48
C SER C 55 -23.83 4.34 1.65
N PHE C 56 -22.89 3.43 1.42
CA PHE C 56 -22.43 2.59 2.51
C PHE C 56 -20.92 2.43 2.40
N SER C 57 -20.31 2.15 3.53
CA SER C 57 -18.86 2.02 3.65
C SER C 57 -18.45 0.57 3.52
N LYS C 58 -17.14 0.35 3.43
CA LYS C 58 -16.62 -0.99 3.18
C LYS C 58 -16.92 -1.97 4.32
N ASP C 59 -17.35 -1.48 5.48
CA ASP C 59 -17.78 -2.38 6.54
C ASP C 59 -19.27 -2.70 6.45
N TRP C 60 -19.95 -2.29 5.36
CA TRP C 60 -21.33 -2.54 5.01
C TRP C 60 -22.30 -1.55 5.67
N SER C 61 -21.85 -0.71 6.59
CA SER C 61 -22.76 0.21 7.28
C SER C 61 -23.09 1.44 6.44
N PHE C 62 -24.33 1.89 6.54
CA PHE C 62 -24.82 3.00 5.76
C PHE C 62 -24.49 4.33 6.44
N TYR C 63 -24.34 5.37 5.62
CA TYR C 63 -24.13 6.72 6.13
C TYR C 63 -24.89 7.71 5.26
N ILE C 64 -25.29 8.81 5.88
CA ILE C 64 -26.02 9.85 5.17
C ILE C 64 -25.72 11.19 5.86
N LEU C 65 -25.63 12.25 5.06
CA LEU C 65 -25.39 13.61 5.55
C LEU C 65 -26.63 14.45 5.30
N ALA C 66 -27.21 14.99 6.38
CA ALA C 66 -28.23 16.02 6.24
C ALA C 66 -27.62 17.39 6.55
N HIS C 67 -28.07 18.42 5.83
CA HIS C 67 -27.57 19.76 6.13
C HIS C 67 -28.57 20.83 5.73
N THR C 68 -28.39 22.02 6.31
CA THR C 68 -29.32 23.11 6.13
C THR C 68 -28.59 24.41 6.46
N GLU C 69 -29.06 25.49 5.86
CA GLU C 69 -28.51 26.79 6.20
C GLU C 69 -28.95 27.19 7.61
N PHE C 70 -28.06 27.84 8.35
CA PHE C 70 -28.47 28.36 9.64
C PHE C 70 -27.55 29.51 10.01
N THR C 71 -28.07 30.39 10.86
CA THR C 71 -27.27 31.48 11.41
C THR C 71 -27.28 31.31 12.93
N PRO C 72 -26.20 30.78 13.51
CA PRO C 72 -26.16 30.57 14.96
C PRO C 72 -26.28 31.88 15.74
N THR C 73 -26.92 31.79 16.90
CA THR C 73 -26.98 32.86 17.88
C THR C 73 -26.56 32.28 19.24
N GLU C 74 -26.45 33.14 20.24
CA GLU C 74 -26.02 32.64 21.54
C GLU C 74 -27.10 31.78 22.18
N THR C 75 -28.37 32.03 21.83
CA THR C 75 -29.51 31.48 22.55
C THR C 75 -30.26 30.38 21.81
N ASP C 76 -30.11 30.25 20.49
CA ASP C 76 -30.90 29.28 19.74
C ASP C 76 -30.32 27.87 19.92
N THR C 77 -31.20 26.90 20.04
CA THR C 77 -30.79 25.49 20.13
C THR C 77 -31.07 24.78 18.80
N TYR C 78 -30.07 24.09 18.28
CA TYR C 78 -30.27 23.30 17.08
C TYR C 78 -30.11 21.82 17.38
N ALA C 79 -30.91 20.99 16.68
CA ALA C 79 -30.95 19.56 16.96
C ALA C 79 -31.15 18.77 15.68
N CYS C 80 -30.69 17.51 15.74
CA CYS C 80 -30.99 16.49 14.74
C CYS C 80 -31.68 15.32 15.42
N ARG C 81 -32.85 14.95 14.91
CA ARG C 81 -33.63 13.85 15.46
C ARG C 81 -33.69 12.72 14.43
N VAL C 82 -33.33 11.52 14.86
CA VAL C 82 -33.23 10.37 13.98
C VAL C 82 -34.15 9.27 14.50
N LYS C 83 -35.02 8.75 13.62
CA LYS C 83 -35.82 7.55 13.86
C LYS C 83 -35.28 6.41 13.02
N HIS C 84 -35.12 5.24 13.63
CA HIS C 84 -34.59 4.09 12.92
C HIS C 84 -35.05 2.84 13.65
N ASP C 85 -35.18 1.74 12.91
CA ASP C 85 -35.82 0.54 13.46
C ASP C 85 -35.01 -0.09 14.58
N SER C 86 -33.71 0.19 14.67
CA SER C 86 -32.90 -0.32 15.77
C SER C 86 -33.23 0.33 17.11
N MET C 87 -34.11 1.32 17.16
CA MET C 87 -34.29 2.12 18.35
C MET C 87 -35.78 2.20 18.66
N ALA C 88 -36.12 1.94 19.93
CA ALA C 88 -37.51 2.07 20.32
C ALA C 88 -37.96 3.53 20.28
N GLU C 89 -37.05 4.45 20.64
CA GLU C 89 -37.34 5.89 20.61
C GLU C 89 -36.51 6.61 19.57
N PRO C 90 -37.00 7.72 19.04
CA PRO C 90 -36.12 8.63 18.29
C PRO C 90 -34.99 9.11 19.17
N LYS C 91 -33.84 9.31 18.55
CA LYS C 91 -32.63 9.78 19.21
C LYS C 91 -32.35 11.20 18.71
N THR C 92 -32.13 12.12 19.66
CA THR C 92 -31.84 13.52 19.33
C THR C 92 -30.44 13.87 19.79
N VAL C 93 -29.66 14.46 18.91
CA VAL C 93 -28.37 15.03 19.27
C VAL C 93 -28.47 16.55 19.11
N TYR C 94 -27.96 17.29 20.10
CA TYR C 94 -28.04 18.75 20.12
C TYR C 94 -26.72 19.33 19.72
N TRP C 95 -26.77 20.40 18.91
CA TRP C 95 -25.56 21.04 18.43
C TRP C 95 -24.83 21.71 19.58
N ASP C 96 -23.52 21.56 19.59
CA ASP C 96 -22.67 22.17 20.60
C ASP C 96 -21.56 22.88 19.87
N ARG C 97 -21.58 24.22 19.87
CA ARG C 97 -20.66 25.00 19.06
C ARG C 97 -19.20 24.72 19.36
N ASP C 98 -18.89 24.09 20.49
CA ASP C 98 -17.53 23.72 20.83
C ASP C 98 -17.12 22.35 20.31
N MET C 99 -18.01 21.61 19.66
CA MET C 99 -17.70 20.24 19.23
C MET C 99 -18.09 19.93 17.78
N GLY D 1 5.55 10.50 -0.74
CA GLY D 1 4.40 9.95 -0.05
C GLY D 1 4.85 9.23 1.15
N PRO D 2 4.92 7.92 1.02
CA PRO D 2 5.31 7.01 2.11
C PRO D 2 6.81 6.83 2.27
N HIS D 3 7.22 6.28 3.42
CA HIS D 3 8.62 6.16 3.77
C HIS D 3 8.88 4.84 4.49
N SER D 4 10.16 4.57 4.75
CA SER D 4 10.55 3.33 5.39
C SER D 4 11.97 3.47 5.93
N MET D 5 12.26 2.65 6.93
CA MET D 5 13.59 2.38 7.44
C MET D 5 13.77 0.87 7.51
N ARG D 6 14.97 0.38 7.20
CA ARG D 6 15.28 -1.04 7.33
C ARG D 6 16.72 -1.21 7.77
N TYR D 7 16.96 -2.18 8.64
CA TYR D 7 18.31 -2.68 8.90
C TYR D 7 18.39 -4.09 8.36
N PHE D 8 19.37 -4.33 7.48
CA PHE D 8 19.70 -5.64 6.91
C PHE D 8 20.98 -6.11 7.55
N GLU D 9 20.91 -7.17 8.33
CA GLU D 9 22.05 -7.63 9.09
C GLU D 9 22.43 -9.03 8.64
N THR D 10 23.72 -9.27 8.52
CA THR D 10 24.19 -10.57 8.08
C THR D 10 25.31 -11.02 9.00
N ALA D 11 25.28 -12.29 9.38
CA ALA D 11 26.41 -12.93 10.02
C ALA D 11 26.78 -14.16 9.21
N VAL D 12 28.05 -14.25 8.84
CA VAL D 12 28.55 -15.25 7.92
C VAL D 12 29.62 -16.04 8.64
N SER D 13 29.52 -17.37 8.59
CA SER D 13 30.66 -18.20 8.99
C SER D 13 31.05 -19.06 7.81
N ARG D 14 32.35 -19.36 7.73
CA ARG D 14 32.89 -20.24 6.71
C ARG D 14 34.28 -20.67 7.15
N PRO D 15 34.81 -21.76 6.60
CA PRO D 15 36.16 -22.19 7.00
C PRO D 15 37.22 -21.13 6.71
N GLY D 16 37.08 -20.41 5.61
CA GLY D 16 37.99 -19.31 5.28
C GLY D 16 37.95 -18.12 6.22
N LEU D 17 37.18 -18.21 7.31
CA LEU D 17 37.13 -17.17 8.33
C LEU D 17 37.43 -17.79 9.69
N GLU D 18 38.21 -17.06 10.50
CA GLU D 18 38.50 -17.52 11.86
C GLU D 18 37.24 -17.46 12.74
N GLU D 19 36.59 -16.31 12.76
CA GLU D 19 35.34 -16.06 13.46
C GLU D 19 34.34 -15.49 12.46
N PRO D 20 33.05 -15.47 12.81
CA PRO D 20 32.04 -14.95 11.87
C PRO D 20 32.23 -13.48 11.55
N ARG D 21 31.76 -13.08 10.35
CA ARG D 21 31.73 -11.68 9.92
C ARG D 21 30.31 -11.14 10.07
N TYR D 22 30.18 -9.99 10.73
CA TYR D 22 28.89 -9.37 11.00
C TYR D 22 28.85 -8.02 10.31
N ILE D 23 27.80 -7.82 9.51
CA ILE D 23 27.62 -6.60 8.75
C ILE D 23 26.20 -6.11 8.97
N SER D 24 26.05 -4.81 9.21
CA SER D 24 24.73 -4.23 9.34
C SER D 24 24.64 -3.01 8.46
N VAL D 25 23.59 -2.94 7.65
CA VAL D 25 23.39 -1.86 6.69
C VAL D 25 22.03 -1.25 6.97
N GLY D 26 22.00 0.05 7.24
CA GLY D 26 20.75 0.74 7.51
C GLY D 26 20.32 1.49 6.26
N TYR D 27 19.02 1.49 5.99
CA TYR D 27 18.46 2.18 4.82
C TYR D 27 17.30 3.07 5.25
N VAL D 28 17.21 4.24 4.63
CA VAL D 28 16.04 5.11 4.72
C VAL D 28 15.50 5.30 3.30
N ASP D 29 14.23 4.96 3.11
CA ASP D 29 13.59 5.00 1.79
C ASP D 29 14.47 4.28 0.76
N ASN D 30 14.93 3.10 1.12
CA ASN D 30 15.72 2.19 0.30
C ASN D 30 17.07 2.76 -0.09
N LYS D 31 17.50 3.83 0.55
CA LYS D 31 18.83 4.37 0.33
C LYS D 31 19.68 4.12 1.58
N GLU D 32 20.81 3.45 1.39
CA GLU D 32 21.75 3.19 2.47
C GLU D 32 22.16 4.49 3.18
N PHE D 33 22.15 4.47 4.51
CA PHE D 33 22.52 5.66 5.25
C PHE D 33 23.51 5.41 6.38
N VAL D 34 23.62 4.18 6.91
CA VAL D 34 24.63 3.83 7.91
C VAL D 34 25.15 2.42 7.62
N ARG D 35 26.38 2.14 8.05
CA ARG D 35 26.94 0.82 7.83
C ARG D 35 27.92 0.44 8.94
N PHE D 36 27.85 -0.83 9.35
CA PHE D 36 28.78 -1.44 10.31
C PHE D 36 29.32 -2.72 9.70
N ASP D 37 30.62 -2.93 9.77
CA ASP D 37 31.27 -4.10 9.19
C ASP D 37 32.37 -4.54 10.14
N SER D 38 32.24 -5.75 10.68
CA SER D 38 33.18 -6.22 11.70
C SER D 38 34.57 -6.46 11.13
N ASP D 39 34.68 -6.60 9.81
CA ASP D 39 35.99 -6.73 9.16
C ASP D 39 36.78 -5.41 9.16
N ALA D 40 36.11 -4.29 9.41
CA ALA D 40 36.78 -2.99 9.33
C ALA D 40 37.92 -2.93 10.33
N GLU D 41 38.92 -2.08 10.02
CA GLU D 41 40.11 -2.01 10.86
C GLU D 41 39.73 -1.70 12.31
N ASN D 42 38.88 -0.71 12.52
CA ASN D 42 38.21 -0.54 13.82
C ASN D 42 36.71 -0.40 13.57
N PRO D 43 35.94 -1.45 13.83
CA PRO D 43 34.53 -1.49 13.41
C PRO D 43 33.68 -0.48 14.15
N ARG D 44 32.88 0.26 13.39
CA ARG D 44 32.00 1.30 13.89
C ARG D 44 30.87 1.49 12.89
N TYR D 45 29.70 1.89 13.38
CA TYR D 45 28.73 2.45 12.46
C TYR D 45 29.29 3.73 11.87
N GLU D 46 29.19 3.85 10.55
CA GLU D 46 29.64 4.99 9.79
C GLU D 46 28.48 5.60 9.02
N PRO D 47 28.34 6.92 9.00
CA PRO D 47 27.36 7.55 8.11
C PRO D 47 27.73 7.26 6.66
N ARG D 48 26.70 7.04 5.85
CA ARG D 48 26.84 6.67 4.45
C ARG D 48 26.19 7.69 3.54
N ALA D 49 25.73 8.80 4.09
CA ALA D 49 25.27 9.94 3.32
C ALA D 49 25.68 11.19 4.09
N PRO D 50 25.99 12.29 3.39
CA PRO D 50 26.41 13.51 4.10
C PRO D 50 25.43 13.97 5.16
N TRP D 51 24.13 13.91 4.89
CA TRP D 51 23.16 14.39 5.86
C TRP D 51 23.23 13.66 7.19
N MET D 52 23.75 12.42 7.23
CA MET D 52 23.82 11.71 8.49
C MET D 52 24.97 12.18 9.37
N GLU D 53 25.92 12.95 8.83
CA GLU D 53 27.07 13.39 9.62
C GLU D 53 26.70 14.37 10.73
N GLN D 54 25.49 14.95 10.69
CA GLN D 54 25.06 15.86 11.74
C GLN D 54 25.04 15.20 13.12
N GLU D 55 24.78 13.87 13.17
CA GLU D 55 24.66 13.22 14.46
C GLU D 55 25.97 13.27 15.20
N GLY D 56 25.89 13.45 16.51
CA GLY D 56 27.07 13.67 17.32
C GLY D 56 27.67 12.38 17.84
N PRO D 57 28.78 12.51 18.57
CA PRO D 57 29.53 11.30 18.96
C PRO D 57 28.74 10.36 19.85
N GLU D 58 27.76 10.87 20.60
CA GLU D 58 26.98 10.00 21.47
C GLU D 58 26.03 9.11 20.67
N TYR D 59 25.54 9.61 19.53
CA TYR D 59 24.72 8.78 18.65
C TYR D 59 25.55 7.63 18.09
N TRP D 60 26.72 7.93 17.53
CA TRP D 60 27.56 6.90 16.94
C TRP D 60 28.10 5.94 17.98
N GLU D 61 28.42 6.43 19.19
CA GLU D 61 28.87 5.52 20.23
C GLU D 61 27.79 4.51 20.57
N ARG D 62 26.56 4.98 20.80
CA ARG D 62 25.47 4.10 21.18
C ARG D 62 25.12 3.13 20.05
N GLU D 63 25.05 3.63 18.81
CA GLU D 63 24.75 2.74 17.69
C GLU D 63 25.86 1.71 17.51
N THR D 64 27.12 2.12 17.69
CA THR D 64 28.20 1.16 17.50
C THR D 64 28.21 0.12 18.62
N GLN D 65 27.88 0.53 19.83
CA GLN D 65 27.80 -0.44 20.91
C GLN D 65 26.64 -1.42 20.68
N LYS D 66 25.53 -0.94 20.12
CA LYS D 66 24.46 -1.87 19.76
C LYS D 66 24.94 -2.88 18.71
N ALA D 67 25.66 -2.40 17.69
CA ALA D 67 26.19 -3.31 16.68
C ALA D 67 27.14 -4.34 17.29
N LYS D 68 27.93 -3.92 18.28
CA LYS D 68 28.85 -4.87 18.91
C LYS D 68 28.08 -5.93 19.70
N GLY D 69 26.94 -5.56 20.29
CA GLY D 69 26.12 -6.57 20.96
C GLY D 69 25.38 -7.43 19.96
N GLN D 70 24.90 -6.83 18.86
CA GLN D 70 24.33 -7.67 17.80
C GLN D 70 25.34 -8.68 17.30
N GLU D 71 26.60 -8.25 17.11
CA GLU D 71 27.60 -9.17 16.60
C GLU D 71 27.68 -10.41 17.49
N GLN D 72 27.72 -10.21 18.80
CA GLN D 72 27.80 -11.33 19.73
C GLN D 72 26.49 -12.12 19.72
N TRP D 73 25.36 -11.42 19.60
CA TRP D 73 24.08 -12.10 19.52
C TRP D 73 24.06 -13.06 18.35
N PHE D 74 24.53 -12.61 17.17
CA PHE D 74 24.57 -13.45 15.98
C PHE D 74 25.58 -14.57 16.15
N ARG D 75 26.73 -14.29 16.76
CA ARG D 75 27.75 -15.32 16.96
C ARG D 75 27.21 -16.49 17.80
N VAL D 76 26.52 -16.21 18.91
CA VAL D 76 25.98 -17.28 19.73
C VAL D 76 24.81 -17.95 19.03
N SER D 77 23.97 -17.18 18.33
CA SER D 77 22.86 -17.77 17.60
C SER D 77 23.35 -18.74 16.53
N LEU D 78 24.40 -18.37 15.79
CA LEU D 78 25.00 -19.29 14.82
C LEU D 78 25.45 -20.58 15.50
N ARG D 79 26.14 -20.46 16.63
CA ARG D 79 26.54 -21.62 17.42
C ARG D 79 25.34 -22.47 17.80
N ASN D 80 24.29 -21.83 18.31
CA ASN D 80 23.13 -22.62 18.74
C ASN D 80 22.47 -23.30 17.54
N LEU D 81 22.40 -22.61 16.41
CA LEU D 81 21.74 -23.16 15.22
C LEU D 81 22.47 -24.40 14.71
N LEU D 82 23.80 -24.39 14.77
CA LEU D 82 24.56 -25.58 14.41
C LEU D 82 24.06 -26.79 15.20
N GLY D 83 23.77 -26.58 16.49
CA GLY D 83 23.27 -27.66 17.31
C GLY D 83 21.83 -28.02 16.98
N TYR D 84 20.96 -27.02 16.87
CA TYR D 84 19.55 -27.29 16.55
C TYR D 84 19.40 -28.13 15.29
N TYR D 85 20.28 -27.93 14.30
CA TYR D 85 20.18 -28.66 13.05
C TYR D 85 21.19 -29.80 12.94
N ASN D 86 21.94 -30.07 14.01
CA ASN D 86 22.89 -31.18 14.06
C ASN D 86 23.82 -31.11 12.87
N GLN D 87 24.35 -29.91 12.64
CA GLN D 87 25.29 -29.70 11.54
C GLN D 87 26.68 -29.89 12.08
N SER D 88 27.51 -30.60 11.36
CA SER D 88 28.85 -30.75 11.90
C SER D 88 29.71 -29.56 11.45
N ALA D 89 30.85 -29.39 12.12
CA ALA D 89 31.78 -28.33 11.72
C ALA D 89 32.34 -28.62 10.32
N GLY D 90 32.78 -27.56 9.65
CA GLY D 90 33.39 -27.68 8.34
C GLY D 90 32.59 -27.12 7.17
N GLY D 91 31.52 -26.37 7.42
CA GLY D 91 30.70 -25.82 6.36
C GLY D 91 30.60 -24.31 6.46
N SER D 92 29.78 -23.75 5.59
CA SER D 92 29.47 -22.33 5.60
C SER D 92 28.05 -22.14 6.10
N HIS D 93 27.85 -21.15 6.96
CA HIS D 93 26.53 -20.93 7.52
C HIS D 93 26.25 -19.44 7.50
N THR D 94 24.99 -19.10 7.37
CA THR D 94 24.60 -17.72 7.20
C THR D 94 23.35 -17.44 8.00
N LEU D 95 23.35 -16.32 8.70
CA LEU D 95 22.19 -15.83 9.41
C LEU D 95 21.91 -14.43 8.93
N GLN D 96 20.67 -14.15 8.55
CA GLN D 96 20.30 -12.85 8.02
C GLN D 96 19.10 -12.31 8.79
N GLN D 97 19.08 -11.00 8.99
CA GLN D 97 17.98 -10.34 9.67
C GLN D 97 17.53 -9.14 8.87
N MET D 98 16.22 -8.95 8.80
CA MET D 98 15.62 -7.74 8.28
C MET D 98 14.68 -7.19 9.34
N SER D 99 14.78 -5.89 9.60
CA SER D 99 13.86 -5.26 10.55
C SER D 99 13.69 -3.80 10.17
N GLY D 100 12.57 -3.24 10.57
CA GLY D 100 12.33 -1.83 10.40
C GLY D 100 10.84 -1.57 10.24
N CYS D 101 10.52 -0.41 9.68
CA CYS D 101 9.13 0.03 9.68
C CYS D 101 8.81 0.75 8.38
N ASP D 102 7.55 0.62 7.96
CA ASP D 102 7.00 1.35 6.83
C ASP D 102 6.03 2.40 7.37
N LEU D 103 6.13 3.63 6.85
CA LEU D 103 5.19 4.68 7.20
C LEU D 103 4.30 4.98 6.00
N GLY D 104 3.06 5.38 6.28
CA GLY D 104 2.17 5.89 5.25
C GLY D 104 2.55 7.30 4.84
N SER D 105 1.82 7.82 3.84
CA SER D 105 2.04 9.21 3.46
C SER D 105 1.64 10.19 4.56
N ASP D 106 0.93 9.73 5.59
CA ASP D 106 0.68 10.54 6.77
C ASP D 106 1.80 10.41 7.79
N TRP D 107 2.84 9.64 7.48
CA TRP D 107 3.99 9.36 8.35
C TRP D 107 3.63 8.51 9.55
N ARG D 108 2.46 7.86 9.55
CA ARG D 108 2.11 6.96 10.64
C ARG D 108 2.52 5.53 10.29
N LEU D 109 2.75 4.74 11.33
CA LEU D 109 3.22 3.37 11.14
C LEU D 109 2.22 2.55 10.34
N LEU D 110 2.67 2.02 9.21
CA LEU D 110 1.89 1.12 8.40
C LEU D 110 2.17 -0.33 8.76
N ARG D 111 3.44 -0.68 8.97
CA ARG D 111 3.82 -2.05 9.28
C ARG D 111 5.23 -2.06 9.86
N GLY D 112 5.45 -2.94 10.83
CA GLY D 112 6.76 -3.18 11.40
C GLY D 112 7.24 -4.56 10.99
N TYR D 113 8.55 -4.73 10.89
CA TYR D 113 9.14 -5.93 10.35
C TYR D 113 10.23 -6.45 11.26
N LEU D 114 10.26 -7.78 11.41
CA LEU D 114 11.37 -8.40 12.10
C LEU D 114 11.40 -9.86 11.68
N GLN D 115 12.40 -10.23 10.88
CA GLN D 115 12.41 -11.61 10.41
C GLN D 115 13.85 -12.06 10.20
N PHE D 116 14.02 -13.38 10.27
CA PHE D 116 15.32 -13.97 10.16
C PHE D 116 15.29 -15.13 9.17
N ALA D 117 16.43 -15.32 8.50
CA ALA D 117 16.69 -16.47 7.66
C ALA D 117 17.95 -17.15 8.14
N TYR D 118 17.95 -18.48 8.14
CA TYR D 118 19.17 -19.23 8.36
C TYR D 118 19.46 -20.02 7.09
N GLU D 119 20.69 -19.95 6.60
CA GLU D 119 21.06 -20.58 5.32
C GLU D 119 20.18 -20.10 4.17
N GLY D 120 19.78 -18.84 4.19
CA GLY D 120 18.98 -18.31 3.12
C GLY D 120 17.53 -18.74 3.13
N ARG D 121 17.05 -19.38 4.19
CA ARG D 121 15.68 -19.87 4.28
C ARG D 121 15.01 -19.27 5.51
N ASP D 122 13.72 -18.95 5.38
CA ASP D 122 12.94 -18.41 6.50
C ASP D 122 13.15 -19.26 7.73
N TYR D 123 13.49 -18.61 8.85
CA TYR D 123 13.69 -19.33 10.10
C TYR D 123 12.65 -18.92 11.14
N ILE D 124 12.59 -17.64 11.50
CA ILE D 124 11.52 -17.14 12.35
C ILE D 124 11.26 -15.70 11.97
N ALA D 125 9.99 -15.31 12.06
CA ALA D 125 9.55 -13.97 11.69
C ALA D 125 8.51 -13.53 12.69
N LEU D 126 8.54 -12.23 13.01
CA LEU D 126 7.50 -11.63 13.84
C LEU D 126 6.31 -11.34 12.94
N ASN D 127 5.12 -11.72 13.38
CA ASN D 127 3.99 -11.48 12.50
C ASN D 127 3.62 -10.01 12.52
N GLU D 128 2.70 -9.67 11.62
CA GLU D 128 2.29 -8.29 11.46
C GLU D 128 1.60 -7.76 12.71
N ASP D 129 0.95 -8.64 13.48
CA ASP D 129 0.41 -8.19 14.76
C ASP D 129 1.50 -7.73 15.73
N LEU D 130 2.78 -7.92 15.38
CA LEU D 130 3.89 -7.65 16.29
C LEU D 130 3.67 -8.28 17.65
N LYS D 131 2.89 -9.37 17.69
CA LYS D 131 2.63 -10.10 18.92
C LYS D 131 3.03 -11.56 18.85
N THR D 132 2.87 -12.21 17.70
CA THR D 132 3.14 -13.64 17.56
C THR D 132 4.22 -13.90 16.51
N TRP D 133 4.73 -15.12 16.54
CA TRP D 133 5.85 -15.55 15.71
C TRP D 133 5.42 -16.64 14.73
N THR D 134 5.91 -16.54 13.49
CA THR D 134 5.88 -17.63 12.53
C THR D 134 7.24 -18.32 12.51
N ALA D 135 7.23 -19.63 12.74
CA ALA D 135 8.44 -20.44 12.62
C ALA D 135 8.05 -21.81 12.07
N ALA D 136 8.59 -22.15 10.89
CA ALA D 136 8.17 -23.40 10.24
C ALA D 136 8.92 -24.60 10.77
N ASP D 137 10.25 -24.53 10.83
CA ASP D 137 11.05 -25.72 11.11
C ASP D 137 10.83 -26.25 12.52
N MET D 138 10.96 -27.58 12.67
CA MET D 138 10.97 -28.19 13.99
C MET D 138 12.04 -27.52 14.85
N ALA D 139 13.25 -27.38 14.32
CA ALA D 139 14.31 -26.67 15.02
C ALA D 139 13.89 -25.26 15.42
N ALA D 140 13.17 -24.55 14.55
CA ALA D 140 12.79 -23.18 14.85
C ALA D 140 11.80 -23.08 16.01
N GLN D 141 11.13 -24.20 16.35
CA GLN D 141 10.13 -24.19 17.41
C GLN D 141 10.75 -23.90 18.76
N ILE D 142 11.97 -24.39 18.97
CA ILE D 142 12.69 -24.14 20.20
C ILE D 142 12.93 -22.64 20.37
N THR D 143 13.35 -21.98 19.29
CA THR D 143 13.51 -20.53 19.34
C THR D 143 12.20 -19.84 19.66
N ARG D 144 11.15 -20.15 18.90
CA ARG D 144 9.88 -19.47 19.12
C ARG D 144 9.39 -19.64 20.56
N ARG D 145 9.54 -20.84 21.11
CA ARG D 145 9.08 -21.04 22.48
C ARG D 145 9.87 -20.19 23.46
N LYS D 146 11.20 -20.19 23.32
CA LYS D 146 12.02 -19.34 24.18
C LYS D 146 11.60 -17.88 24.07
N TRP D 147 11.34 -17.40 22.85
CA TRP D 147 11.04 -15.98 22.69
C TRP D 147 9.63 -15.66 23.17
N GLU D 148 8.68 -16.58 22.98
CA GLU D 148 7.39 -16.43 23.65
C GLU D 148 7.57 -16.37 25.16
N GLN D 149 8.40 -17.26 25.72
CA GLN D 149 8.50 -17.35 27.16
C GLN D 149 9.23 -16.16 27.76
N SER D 150 10.09 -15.51 27.00
CA SER D 150 10.80 -14.34 27.50
C SER D 150 10.08 -13.04 27.24
N GLY D 151 8.93 -13.06 26.54
CA GLY D 151 8.30 -11.79 26.20
C GLY D 151 9.03 -10.96 25.17
N ALA D 152 9.92 -11.55 24.38
CA ALA D 152 10.75 -10.82 23.42
C ALA D 152 9.93 -9.90 22.52
N ALA D 153 8.77 -10.37 22.03
CA ALA D 153 8.04 -9.58 21.04
C ALA D 153 7.51 -8.27 21.63
N GLU D 154 7.29 -8.20 22.94
CA GLU D 154 6.84 -6.94 23.53
C GLU D 154 7.88 -5.86 23.34
N HIS D 155 9.15 -6.18 23.58
CA HIS D 155 10.21 -5.22 23.37
C HIS D 155 10.36 -4.84 21.89
N TYR D 156 10.19 -5.81 20.99
CA TYR D 156 10.34 -5.50 19.57
C TYR D 156 9.18 -4.67 19.06
N LYS D 157 7.97 -4.98 19.55
CA LYS D 157 6.82 -4.14 19.20
C LYS D 157 7.04 -2.70 19.64
N ALA D 158 7.59 -2.50 20.84
CA ALA D 158 7.82 -1.15 21.34
C ALA D 158 8.82 -0.40 20.46
N TYR D 159 9.94 -1.06 20.12
CA TYR D 159 10.87 -0.46 19.17
C TYR D 159 10.18 -0.10 17.85
N LEU D 160 9.47 -1.07 17.25
CA LEU D 160 8.93 -0.86 15.92
C LEU D 160 7.86 0.21 15.89
N GLU D 161 7.09 0.37 16.97
CA GLU D 161 6.07 1.40 17.03
C GLU D 161 6.61 2.72 17.56
N GLY D 162 7.71 2.70 18.31
CA GLY D 162 8.26 3.85 18.99
C GLY D 162 9.49 4.35 18.27
N GLU D 163 10.67 3.87 18.68
CA GLU D 163 11.94 4.41 18.18
C GLU D 163 12.05 4.34 16.67
N CYS D 164 11.66 3.21 16.07
CA CYS D 164 11.76 3.08 14.62
C CYS D 164 11.02 4.21 13.93
N VAL D 165 9.80 4.52 14.39
CA VAL D 165 9.04 5.59 13.77
C VAL D 165 9.65 6.94 14.09
N GLU D 166 9.98 7.18 15.36
CA GLU D 166 10.46 8.50 15.76
C GLU D 166 11.79 8.83 15.11
N TRP D 167 12.72 7.88 15.08
CA TRP D 167 14.01 8.16 14.48
C TRP D 167 13.91 8.24 12.95
N LEU D 168 12.98 7.51 12.33
CA LEU D 168 12.76 7.70 10.91
C LEU D 168 12.28 9.11 10.61
N HIS D 169 11.32 9.60 11.39
CA HIS D 169 10.89 11.00 11.27
C HIS D 169 12.08 11.95 11.34
N ARG D 170 12.92 11.78 12.37
CA ARG D 170 14.12 12.60 12.52
C ARG D 170 15.01 12.52 11.27
N TYR D 171 15.27 11.31 10.78
CA TYR D 171 16.10 11.18 9.58
C TYR D 171 15.42 11.83 8.38
N LEU D 172 14.11 11.68 8.28
CA LEU D 172 13.39 12.33 7.18
C LEU D 172 13.48 13.85 7.27
N LYS D 173 13.51 14.43 8.47
CA LYS D 173 13.65 15.89 8.50
C LYS D 173 15.07 16.32 8.15
N ASN D 174 16.07 15.48 8.44
CA ASN D 174 17.45 15.78 8.09
C ASN D 174 17.82 15.33 6.67
N GLY D 175 17.08 14.36 6.10
CA GLY D 175 17.30 13.90 4.74
C GLY D 175 16.34 14.50 3.72
N ASN D 176 15.03 14.28 3.94
CA ASN D 176 13.88 15.07 3.49
C ASN D 176 12.97 14.33 2.53
N ALA D 177 13.50 13.27 1.94
CA ALA D 177 12.77 12.52 0.94
C ALA D 177 12.22 13.41 -0.18
N LEU D 180 10.24 9.00 -2.44
CA LEU D 180 9.58 10.09 -3.15
C LEU D 180 10.37 10.51 -4.40
N ARG D 181 11.58 9.97 -4.56
CA ARG D 181 12.40 10.27 -5.72
C ARG D 181 12.03 9.30 -6.86
N THR D 182 11.51 9.85 -7.95
CA THR D 182 11.25 9.02 -9.13
C THR D 182 11.85 9.65 -10.38
N ASP D 183 12.54 8.82 -11.16
CA ASP D 183 13.00 9.14 -12.50
C ASP D 183 12.22 8.26 -13.46
N SER D 184 11.53 8.87 -14.41
CA SER D 184 10.70 8.09 -15.32
C SER D 184 11.57 7.34 -16.32
N PRO D 185 11.09 6.19 -16.82
CA PRO D 185 11.86 5.44 -17.81
C PRO D 185 11.83 6.11 -19.17
N LYS D 186 12.94 5.98 -19.90
CA LYS D 186 13.02 6.41 -21.31
C LYS D 186 13.01 5.17 -22.17
N ALA D 187 12.01 5.06 -23.05
CA ALA D 187 11.82 3.85 -23.82
C ALA D 187 12.08 4.10 -25.31
N HIS D 188 12.57 3.05 -25.96
CA HIS D 188 12.74 3.01 -27.41
C HIS D 188 12.80 1.54 -27.80
N VAL D 189 12.52 1.27 -29.07
CA VAL D 189 12.51 -0.09 -29.60
C VAL D 189 13.64 -0.24 -30.61
N THR D 190 14.35 -1.37 -30.54
CA THR D 190 15.44 -1.66 -31.47
C THR D 190 15.09 -2.84 -32.35
N HIS D 191 15.69 -2.84 -33.53
CA HIS D 191 15.36 -3.76 -34.61
C HIS D 191 16.54 -4.70 -34.85
N HIS D 192 16.28 -6.00 -34.81
CA HIS D 192 17.33 -7.01 -34.90
C HIS D 192 16.86 -8.10 -35.85
N PRO D 193 17.29 -8.06 -37.11
CA PRO D 193 16.87 -9.09 -38.07
C PRO D 193 17.30 -10.47 -37.63
N ARG D 194 16.63 -11.49 -38.21
CA ARG D 194 16.93 -12.88 -37.90
C ARG D 194 16.78 -13.71 -39.16
N SER D 195 17.12 -14.99 -39.03
CA SER D 195 16.86 -15.94 -40.10
C SER D 195 15.35 -16.08 -40.30
N LYS D 196 14.98 -16.61 -41.47
CA LYS D 196 13.59 -16.86 -41.85
C LYS D 196 12.80 -15.57 -42.03
N GLY D 197 13.47 -14.46 -42.31
CA GLY D 197 12.77 -13.19 -42.43
C GLY D 197 12.03 -12.78 -41.18
N GLU D 198 12.32 -13.44 -40.07
CA GLU D 198 11.80 -13.05 -38.76
C GLU D 198 12.68 -11.97 -38.15
N VAL D 199 12.11 -11.19 -37.25
CA VAL D 199 12.83 -10.10 -36.61
C VAL D 199 12.58 -10.12 -35.11
N THR D 200 13.56 -9.62 -34.36
CA THR D 200 13.41 -9.36 -32.93
C THR D 200 13.26 -7.86 -32.74
N LEU D 201 12.13 -7.43 -32.17
CA LEU D 201 12.02 -6.09 -31.60
C LEU D 201 12.27 -6.21 -30.11
N ARG D 202 13.14 -5.34 -29.62
CA ARG D 202 13.55 -5.34 -28.23
C ARG D 202 13.18 -3.97 -27.64
N CYS D 203 12.31 -3.99 -26.63
CA CYS D 203 11.82 -2.77 -26.01
C CYS D 203 12.67 -2.45 -24.80
N TRP D 204 13.30 -1.29 -24.82
CA TRP D 204 14.24 -0.86 -23.80
C TRP D 204 13.61 0.18 -22.90
N ALA D 205 13.84 0.05 -21.59
CA ALA D 205 13.56 1.10 -20.62
C ALA D 205 14.87 1.47 -19.94
N LEU D 206 15.17 2.76 -19.89
CA LEU D 206 16.44 3.20 -19.35
C LEU D 206 16.22 4.36 -18.40
N GLY D 207 17.18 4.55 -17.50
CA GLY D 207 17.20 5.74 -16.69
C GLY D 207 16.09 5.86 -15.66
N PHE D 208 15.40 4.78 -15.32
CA PHE D 208 14.31 4.87 -14.35
C PHE D 208 14.76 4.57 -12.93
N TYR D 209 14.01 5.11 -11.96
CA TYR D 209 14.15 4.81 -10.54
C TYR D 209 12.81 5.05 -9.86
N PRO D 210 12.39 4.15 -8.95
CA PRO D 210 13.06 2.91 -8.52
C PRO D 210 12.98 1.79 -9.53
N ALA D 211 13.52 0.63 -9.16
CA ALA D 211 13.75 -0.46 -10.10
C ALA D 211 12.47 -1.16 -10.56
N ASP D 212 11.40 -1.08 -9.77
CA ASP D 212 10.15 -1.74 -10.13
C ASP D 212 9.58 -1.18 -11.42
N ILE D 213 9.38 -2.05 -12.41
CA ILE D 213 8.89 -1.63 -13.72
C ILE D 213 8.24 -2.83 -14.37
N THR D 214 7.40 -2.58 -15.37
CA THR D 214 6.82 -3.68 -16.12
C THR D 214 6.85 -3.36 -17.60
N LEU D 215 7.30 -4.32 -18.39
CA LEU D 215 7.37 -4.23 -19.84
C LEU D 215 6.44 -5.29 -20.43
N THR D 216 5.60 -4.87 -21.40
CA THR D 216 4.69 -5.79 -22.07
C THR D 216 4.73 -5.55 -23.58
N TRP D 217 4.58 -6.63 -24.33
CA TRP D 217 4.39 -6.55 -25.77
C TRP D 217 2.98 -6.97 -26.11
N GLN D 218 2.36 -6.26 -27.05
CA GLN D 218 0.98 -6.53 -27.44
C GLN D 218 0.86 -6.70 -28.95
N LEU D 219 0.09 -7.73 -29.33
CA LEU D 219 -0.29 -8.02 -30.70
C LEU D 219 -1.80 -7.99 -30.75
N ASN D 220 -2.36 -7.10 -31.60
CA ASN D 220 -3.81 -6.95 -31.73
C ASN D 220 -4.47 -6.72 -30.37
N GLY D 221 -3.79 -5.98 -29.51
CA GLY D 221 -4.38 -5.58 -28.24
C GLY D 221 -4.38 -6.62 -27.13
N GLU D 222 -3.73 -7.77 -27.31
CA GLU D 222 -3.53 -8.71 -26.21
C GLU D 222 -2.04 -8.87 -25.94
N GLU D 223 -1.69 -8.89 -24.65
CA GLU D 223 -0.31 -9.11 -24.23
C GLU D 223 0.13 -10.52 -24.62
N LEU D 224 1.45 -10.72 -24.64
CA LEU D 224 2.04 -11.96 -25.15
C LEU D 224 3.17 -12.33 -24.20
N THR D 225 2.81 -12.90 -23.04
CA THR D 225 3.82 -13.54 -22.20
C THR D 225 4.41 -14.74 -22.92
N GLN D 226 3.60 -15.45 -23.71
CA GLN D 226 4.06 -16.50 -24.62
C GLN D 226 5.25 -16.03 -25.42
N ASP D 227 6.42 -16.60 -25.14
CA ASP D 227 7.60 -16.42 -25.97
C ASP D 227 8.02 -14.95 -26.07
N MET D 228 7.85 -14.21 -24.97
CA MET D 228 8.49 -12.92 -24.79
C MET D 228 9.72 -13.13 -23.92
N GLU D 229 10.88 -12.74 -24.43
CA GLU D 229 12.12 -12.88 -23.67
C GLU D 229 12.49 -11.54 -23.06
N LEU D 230 12.97 -11.57 -21.82
CA LEU D 230 13.31 -10.35 -21.10
C LEU D 230 14.64 -10.55 -20.38
N VAL D 231 15.08 -9.49 -19.71
CA VAL D 231 16.18 -9.56 -18.76
C VAL D 231 15.64 -9.08 -17.42
N GLU D 232 16.23 -9.61 -16.35
CA GLU D 232 15.94 -9.07 -15.04
C GLU D 232 16.42 -7.62 -14.96
N THR D 233 15.60 -6.78 -14.34
CA THR D 233 15.96 -5.39 -14.11
C THR D 233 17.34 -5.29 -13.48
N ARG D 234 18.12 -4.32 -13.94
CA ARG D 234 19.52 -4.30 -13.55
C ARG D 234 19.96 -2.85 -13.34
N PRO D 235 20.88 -2.62 -12.42
CA PRO D 235 21.34 -1.25 -12.15
C PRO D 235 22.31 -0.77 -13.22
N ALA D 236 22.14 0.48 -13.61
CA ALA D 236 23.10 1.09 -14.52
C ALA D 236 24.39 1.47 -13.81
N GLY D 237 24.34 1.63 -12.48
CA GLY D 237 25.51 1.96 -11.67
C GLY D 237 25.56 3.42 -11.27
N ASP D 238 24.68 4.23 -11.84
CA ASP D 238 24.54 5.65 -11.50
C ASP D 238 23.33 5.92 -10.64
N GLY D 239 22.64 4.88 -10.17
CA GLY D 239 21.43 5.06 -9.40
C GLY D 239 20.14 4.75 -10.15
N THR D 240 20.18 4.65 -11.48
CA THR D 240 19.03 4.28 -12.29
C THR D 240 19.14 2.84 -12.77
N PHE D 241 18.07 2.36 -13.40
CA PHE D 241 17.94 0.95 -13.72
C PHE D 241 17.61 0.77 -15.19
N GLN D 242 17.80 -0.47 -15.66
CA GLN D 242 17.59 -0.85 -17.05
C GLN D 242 16.79 -2.12 -17.11
N LYS D 243 16.01 -2.26 -18.18
CA LYS D 243 15.33 -3.51 -18.49
C LYS D 243 14.98 -3.54 -19.97
N TRP D 244 14.93 -4.73 -20.54
CA TRP D 244 14.36 -4.86 -21.88
C TRP D 244 13.56 -6.14 -21.98
N ALA D 245 12.67 -6.16 -22.98
CA ALA D 245 11.81 -7.29 -23.31
C ALA D 245 11.67 -7.35 -24.83
N SER D 246 11.72 -8.55 -25.38
CA SER D 246 11.80 -8.77 -26.82
C SER D 246 10.80 -9.81 -27.28
N VAL D 247 10.34 -9.66 -28.53
CA VAL D 247 9.46 -10.63 -29.17
C VAL D 247 9.91 -10.88 -30.60
N VAL D 248 9.62 -12.08 -31.09
CA VAL D 248 9.89 -12.46 -32.48
C VAL D 248 8.68 -12.12 -33.33
N VAL D 249 8.92 -11.52 -34.48
CA VAL D 249 7.83 -11.08 -35.36
C VAL D 249 8.14 -11.47 -36.79
N PRO D 250 7.11 -11.56 -37.62
CA PRO D 250 7.32 -11.49 -39.06
C PRO D 250 7.88 -10.14 -39.48
N LEU D 251 8.67 -10.14 -40.56
CA LEU D 251 9.08 -8.89 -41.20
C LEU D 251 7.96 -8.41 -42.11
N GLY D 252 7.61 -7.13 -42.00
CA GLY D 252 6.42 -6.59 -42.62
C GLY D 252 5.22 -6.52 -41.70
N LYS D 253 5.30 -7.11 -40.50
CA LYS D 253 4.25 -7.05 -39.49
C LYS D 253 4.70 -6.28 -38.25
N GLU D 254 5.68 -5.38 -38.41
CA GLU D 254 6.27 -4.70 -37.25
C GLU D 254 5.28 -3.76 -36.59
N GLN D 255 4.61 -2.92 -37.39
CA GLN D 255 3.70 -1.93 -36.83
C GLN D 255 2.50 -2.56 -36.14
N ASN D 256 2.33 -3.87 -36.24
CA ASN D 256 1.28 -4.55 -35.49
C ASN D 256 1.58 -4.61 -34.00
N TYR D 257 2.86 -4.50 -33.61
CA TYR D 257 3.29 -4.75 -32.25
C TYR D 257 3.55 -3.44 -31.50
N THR D 258 3.11 -3.39 -30.25
CA THR D 258 3.29 -2.22 -29.41
C THR D 258 3.89 -2.66 -28.07
N CYS D 259 4.78 -1.83 -27.55
CA CYS D 259 5.39 -2.06 -26.25
C CYS D 259 4.81 -1.10 -25.24
N ARG D 260 4.48 -1.62 -24.06
CA ARG D 260 3.90 -0.81 -23.00
C ARG D 260 4.82 -0.84 -21.79
N VAL D 261 5.04 0.34 -21.20
CA VAL D 261 5.95 0.51 -20.07
C VAL D 261 5.13 1.06 -18.91
N TYR D 262 5.14 0.34 -17.78
CA TYR D 262 4.41 0.71 -16.57
C TYR D 262 5.43 1.02 -15.49
N HIS D 263 5.39 2.24 -14.98
CA HIS D 263 6.34 2.67 -13.96
C HIS D 263 5.71 3.80 -13.15
N GLU D 264 6.00 3.80 -11.85
CA GLU D 264 5.32 4.70 -10.92
C GLU D 264 5.63 6.17 -11.16
N GLY D 265 6.73 6.47 -11.84
CA GLY D 265 7.06 7.86 -12.11
C GLY D 265 6.33 8.45 -13.27
N LEU D 266 5.67 7.63 -14.04
CA LEU D 266 4.97 8.06 -15.24
C LEU D 266 3.64 8.71 -14.89
N PRO D 267 3.24 9.77 -15.60
CA PRO D 267 1.86 10.25 -15.49
C PRO D 267 0.87 9.18 -15.93
N GLU D 268 1.22 8.40 -16.93
CA GLU D 268 0.43 7.25 -17.37
C GLU D 268 1.36 6.32 -18.12
N PRO D 269 0.94 5.09 -18.38
CA PRO D 269 1.82 4.16 -19.10
C PRO D 269 2.15 4.67 -20.49
N LEU D 270 3.34 4.30 -20.99
CA LEU D 270 3.74 4.64 -22.34
C LEU D 270 3.42 3.49 -23.28
N THR D 271 2.97 3.86 -24.49
CA THR D 271 2.85 2.93 -25.60
C THR D 271 3.82 3.40 -26.69
N LEU D 272 4.48 2.46 -27.34
CA LEU D 272 5.46 2.81 -28.36
C LEU D 272 5.66 1.61 -29.28
N ARG D 273 6.24 1.87 -30.44
CA ARG D 273 6.43 0.85 -31.46
C ARG D 273 7.77 1.05 -32.13
N TRP D 274 8.14 0.07 -32.97
CA TRP D 274 9.29 0.23 -33.84
C TRP D 274 9.15 1.48 -34.70
N GLU D 275 10.20 2.28 -34.75
CA GLU D 275 10.18 3.48 -35.58
C GLU D 275 11.49 3.63 -36.36
N PRO D 276 11.43 3.57 -37.70
CA PRO D 276 12.58 3.95 -38.53
C PRO D 276 12.54 5.44 -38.89
N ILE E 1 20.84 -24.12 1.53
CA ILE E 1 20.87 -24.60 0.16
C ILE E 1 21.68 -23.62 -0.70
N GLN E 2 22.52 -24.19 -1.55
CA GLN E 2 23.29 -23.40 -2.49
C GLN E 2 22.37 -22.84 -3.56
N LYS E 3 22.58 -21.58 -3.91
CA LYS E 3 21.89 -20.95 -5.02
C LYS E 3 22.91 -20.44 -6.03
N THR E 4 22.68 -20.71 -7.30
CA THR E 4 23.65 -20.40 -8.35
C THR E 4 23.57 -18.92 -8.73
N PRO E 5 24.68 -18.21 -8.79
CA PRO E 5 24.62 -16.79 -9.16
C PRO E 5 24.10 -16.61 -10.58
N GLN E 6 23.17 -15.67 -10.74
CA GLN E 6 22.70 -15.23 -12.04
C GLN E 6 23.50 -14.00 -12.44
N ILE E 7 23.95 -13.94 -13.71
CA ILE E 7 24.98 -12.99 -14.13
C ILE E 7 24.50 -12.24 -15.37
N GLN E 8 24.59 -10.90 -15.35
CA GLN E 8 24.41 -10.09 -16.54
C GLN E 8 25.62 -9.19 -16.73
N VAL E 9 26.07 -9.08 -17.97
CA VAL E 9 27.17 -8.21 -18.36
C VAL E 9 26.63 -7.21 -19.37
N TYR E 10 26.83 -5.92 -19.09
CA TYR E 10 26.16 -4.93 -19.91
C TYR E 10 26.77 -3.57 -19.61
N SER E 11 26.52 -2.63 -20.50
CA SER E 11 27.15 -1.32 -20.37
C SER E 11 26.20 -0.34 -19.72
N ARG E 12 26.76 0.67 -19.06
CA ARG E 12 25.95 1.70 -18.44
C ARG E 12 25.20 2.51 -19.49
N HIS E 13 25.90 2.91 -20.57
CA HIS E 13 25.34 3.70 -21.64
C HIS E 13 25.30 2.88 -22.92
N PRO E 14 24.38 3.20 -23.83
CA PRO E 14 24.39 2.56 -25.14
C PRO E 14 25.80 2.55 -25.69
N PRO E 15 26.27 1.40 -26.18
CA PRO E 15 27.68 1.32 -26.54
C PRO E 15 27.93 2.01 -27.87
N GLU E 16 28.99 2.80 -27.91
CA GLU E 16 29.47 3.45 -29.13
C GLU E 16 30.93 3.11 -29.27
N ASN E 17 31.30 2.54 -30.42
CA ASN E 17 32.69 2.17 -30.61
C ASN E 17 33.56 3.42 -30.51
N GLY E 18 34.65 3.31 -29.73
CA GLY E 18 35.53 4.43 -29.51
C GLY E 18 35.11 5.42 -28.44
N LYS E 19 33.95 5.23 -27.80
CA LYS E 19 33.55 6.18 -26.78
C LYS E 19 33.65 5.55 -25.39
N PRO E 20 34.25 6.24 -24.42
CA PRO E 20 34.37 5.67 -23.07
C PRO E 20 32.99 5.38 -22.48
N ASN E 21 32.93 4.31 -21.69
CA ASN E 21 31.68 3.81 -21.16
C ASN E 21 31.99 3.10 -19.85
N ILE E 22 31.00 2.43 -19.28
CA ILE E 22 31.19 1.64 -18.07
C ILE E 22 30.60 0.27 -18.33
N LEU E 23 31.37 -0.78 -18.10
CA LEU E 23 30.85 -2.14 -18.24
C LEU E 23 30.48 -2.70 -16.86
N ASN E 24 29.27 -3.22 -16.75
CA ASN E 24 28.74 -3.75 -15.50
C ASN E 24 28.73 -5.28 -15.56
N CYS E 25 29.00 -5.90 -14.40
CA CYS E 25 28.74 -7.31 -14.18
C CYS E 25 27.85 -7.43 -12.94
N TYR E 26 26.58 -7.71 -13.16
CA TYR E 26 25.58 -7.71 -12.10
C TYR E 26 25.30 -9.16 -11.74
N VAL E 27 25.47 -9.51 -10.46
CA VAL E 27 25.44 -10.89 -10.02
C VAL E 27 24.44 -10.99 -8.88
N THR E 28 23.44 -11.86 -9.02
CA THR E 28 22.30 -11.89 -8.10
C THR E 28 21.95 -13.31 -7.72
N GLN E 29 21.12 -13.43 -6.67
CA GLN E 29 20.43 -14.67 -6.26
C GLN E 29 21.38 -15.83 -5.95
N PHE E 30 22.54 -15.55 -5.42
CA PHE E 30 23.46 -16.61 -5.06
C PHE E 30 23.45 -16.73 -3.55
N HIS E 31 23.86 -17.91 -3.08
CA HIS E 31 23.97 -18.27 -1.66
C HIS E 31 24.89 -19.47 -1.56
N PRO E 32 25.85 -19.48 -0.61
CA PRO E 32 26.18 -18.49 0.42
C PRO E 32 26.83 -17.23 -0.16
N PRO E 33 26.94 -16.17 0.64
CA PRO E 33 27.29 -14.86 0.08
C PRO E 33 28.71 -14.73 -0.43
N HIS E 34 29.63 -15.60 -0.01
CA HIS E 34 31.00 -15.52 -0.51
C HIS E 34 31.09 -15.78 -2.01
N ILE E 35 31.80 -14.91 -2.72
CA ILE E 35 31.86 -15.01 -4.18
C ILE E 35 33.06 -14.20 -4.65
N GLU E 36 33.63 -14.60 -5.80
CA GLU E 36 34.71 -13.90 -6.45
C GLU E 36 34.30 -13.56 -7.88
N ILE E 37 34.53 -12.32 -8.27
CA ILE E 37 34.10 -11.80 -9.57
C ILE E 37 35.31 -11.15 -10.23
N GLN E 38 35.61 -11.57 -11.46
CA GLN E 38 36.61 -10.89 -12.29
C GLN E 38 35.95 -10.42 -13.58
N MET E 39 36.46 -9.33 -14.12
CA MET E 39 36.07 -8.90 -15.46
C MET E 39 37.27 -9.03 -16.38
N LEU E 40 37.01 -9.42 -17.62
CA LEU E 40 38.03 -9.79 -18.60
C LEU E 40 37.88 -8.93 -19.84
N LYS E 41 39.02 -8.62 -20.46
CA LYS E 41 39.08 -8.04 -21.79
C LYS E 41 39.94 -8.95 -22.66
N ASN E 42 39.34 -9.51 -23.71
CA ASN E 42 40.01 -10.48 -24.56
C ASN E 42 40.70 -11.57 -23.74
N GLY E 43 39.95 -12.12 -22.79
CA GLY E 43 40.42 -13.21 -21.96
C GLY E 43 41.36 -12.81 -20.83
N LYS E 44 41.77 -11.55 -20.73
CA LYS E 44 42.73 -11.12 -19.73
C LYS E 44 42.05 -10.32 -18.62
N LYS E 45 42.46 -10.59 -17.38
CA LYS E 45 41.90 -9.90 -16.22
C LYS E 45 42.06 -8.40 -16.32
N ILE E 46 40.98 -7.68 -16.06
CA ILE E 46 41.02 -6.22 -16.07
C ILE E 46 41.44 -5.78 -14.67
N PRO E 47 42.47 -4.93 -14.52
CA PRO E 47 43.04 -4.70 -13.19
C PRO E 47 42.16 -3.84 -12.30
N LYS E 48 41.57 -2.77 -12.83
CA LYS E 48 40.81 -1.84 -12.01
C LYS E 48 39.34 -2.19 -12.15
N VAL E 49 38.83 -2.98 -11.19
CA VAL E 49 37.42 -3.34 -11.17
C VAL E 49 36.82 -2.89 -9.85
N GLU E 50 35.83 -2.00 -9.92
CA GLU E 50 35.10 -1.55 -8.75
C GLU E 50 34.06 -2.60 -8.36
N MET E 51 33.86 -2.76 -7.05
CA MET E 51 33.00 -3.80 -6.51
C MET E 51 32.09 -3.16 -5.48
N SER E 52 30.77 -3.28 -5.67
CA SER E 52 29.85 -2.75 -4.67
C SER E 52 29.92 -3.59 -3.38
N ASP E 53 29.36 -3.05 -2.31
CA ASP E 53 29.27 -3.82 -1.08
C ASP E 53 28.22 -4.92 -1.20
N MET E 54 28.37 -5.98 -0.40
N MET E 54 28.37 -5.96 -0.39
CA MET E 54 27.42 -7.09 -0.44
CA MET E 54 27.44 -7.09 -0.37
C MET E 54 26.10 -6.65 0.18
C MET E 54 26.10 -6.64 0.20
N SER E 55 25.02 -6.84 -0.57
CA SER E 55 23.66 -6.53 -0.14
C SER E 55 22.77 -7.74 -0.36
N PHE E 56 21.58 -7.73 0.24
CA PHE E 56 20.66 -8.82 -0.04
C PHE E 56 19.25 -8.25 -0.11
N SER E 57 18.40 -9.02 -0.77
CA SER E 57 17.04 -8.58 -1.10
C SER E 57 16.07 -9.15 -0.09
N LYS E 58 14.85 -8.63 -0.14
CA LYS E 58 13.79 -9.04 0.77
C LYS E 58 13.55 -10.55 0.75
N ASP E 59 13.86 -11.22 -0.35
CA ASP E 59 13.74 -12.68 -0.41
C ASP E 59 15.00 -13.41 0.04
N TRP E 60 15.94 -12.68 0.65
CA TRP E 60 17.19 -13.13 1.24
C TRP E 60 18.29 -13.36 0.21
N SER E 61 18.03 -13.22 -1.09
CA SER E 61 19.08 -13.44 -2.09
C SER E 61 20.06 -12.28 -2.13
N PHE E 62 21.33 -12.62 -2.19
CA PHE E 62 22.42 -11.65 -2.23
C PHE E 62 22.60 -11.12 -3.64
N TYR E 63 23.16 -9.91 -3.75
CA TYR E 63 23.48 -9.36 -5.06
C TYR E 63 24.64 -8.38 -4.92
N ILE E 64 25.37 -8.20 -6.02
CA ILE E 64 26.57 -7.36 -6.03
C ILE E 64 26.79 -6.90 -7.46
N LEU E 65 27.38 -5.71 -7.61
CA LEU E 65 27.64 -5.07 -8.89
C LEU E 65 29.14 -4.81 -9.00
N ALA E 66 29.79 -5.43 -9.97
CA ALA E 66 31.14 -5.04 -10.33
C ALA E 66 31.10 -4.14 -11.57
N HIS E 67 32.03 -3.20 -11.67
CA HIS E 67 32.08 -2.41 -12.89
C HIS E 67 33.49 -1.90 -13.17
N THR E 68 33.68 -1.47 -14.41
CA THR E 68 34.99 -1.01 -14.85
C THR E 68 34.83 -0.09 -16.06
N GLU E 69 35.73 0.88 -16.15
CA GLU E 69 35.74 1.71 -17.34
C GLU E 69 36.15 0.86 -18.54
N PHE E 70 35.53 1.14 -19.70
CA PHE E 70 36.01 0.53 -20.92
C PHE E 70 35.59 1.38 -22.10
N THR E 71 36.32 1.20 -23.19
CA THR E 71 36.01 1.86 -24.46
C THR E 71 35.81 0.74 -25.47
N PRO E 72 34.59 0.41 -25.82
CA PRO E 72 34.36 -0.74 -26.71
C PRO E 72 34.83 -0.44 -28.13
N THR E 73 35.23 -1.51 -28.82
CA THR E 73 35.57 -1.52 -30.24
C THR E 73 34.72 -2.57 -30.93
N GLU E 74 34.91 -2.72 -32.25
CA GLU E 74 34.16 -3.75 -32.98
C GLU E 74 34.50 -5.14 -32.48
N THR E 75 35.77 -5.39 -32.17
CA THR E 75 36.22 -6.76 -31.97
C THR E 75 36.72 -7.08 -30.57
N ASP E 76 36.95 -6.11 -29.69
CA ASP E 76 37.29 -6.47 -28.32
C ASP E 76 36.12 -7.20 -27.65
N THR E 77 36.43 -8.33 -27.02
CA THR E 77 35.44 -9.15 -26.32
C THR E 77 35.61 -8.93 -24.82
N TYR E 78 34.51 -8.69 -24.14
CA TYR E 78 34.52 -8.49 -22.70
C TYR E 78 33.67 -9.56 -22.03
N ALA E 79 34.01 -9.87 -20.78
CA ALA E 79 33.35 -10.98 -20.11
C ALA E 79 33.45 -10.79 -18.60
N CYS E 80 32.61 -11.54 -17.90
CA CYS E 80 32.64 -11.57 -16.45
C CYS E 80 32.76 -13.01 -16.02
N ARG E 81 33.72 -13.29 -15.12
CA ARG E 81 34.03 -14.63 -14.66
C ARG E 81 33.75 -14.70 -13.17
N VAL E 82 32.90 -15.63 -12.77
CA VAL E 82 32.38 -15.69 -11.40
C VAL E 82 32.70 -17.05 -10.78
N LYS E 83 33.28 -17.04 -9.59
CA LYS E 83 33.59 -18.26 -8.85
C LYS E 83 32.77 -18.32 -7.57
N HIS E 84 32.11 -19.45 -7.33
CA HIS E 84 31.12 -19.57 -6.26
C HIS E 84 30.88 -21.03 -5.96
N ASP E 85 30.58 -21.32 -4.69
CA ASP E 85 30.51 -22.70 -4.19
C ASP E 85 29.46 -23.54 -4.91
N SER E 86 28.39 -22.91 -5.40
CA SER E 86 27.34 -23.63 -6.08
C SER E 86 27.78 -24.24 -7.42
N MET E 87 29.00 -23.98 -7.86
CA MET E 87 29.45 -24.37 -9.19
C MET E 87 30.80 -25.04 -9.07
N ALA E 88 30.99 -26.14 -9.81
CA ALA E 88 32.26 -26.83 -9.84
C ALA E 88 33.36 -25.94 -10.41
N GLU E 89 33.06 -25.27 -11.53
CA GLU E 89 34.05 -24.42 -12.17
C GLU E 89 33.58 -22.97 -12.20
N PRO E 90 34.50 -22.01 -12.26
CA PRO E 90 34.09 -20.61 -12.44
C PRO E 90 33.33 -20.45 -13.75
N LYS E 91 32.38 -19.51 -13.75
CA LYS E 91 31.43 -19.34 -14.84
C LYS E 91 31.73 -18.01 -15.53
N THR E 92 31.94 -18.06 -16.84
CA THR E 92 32.26 -16.87 -17.64
C THR E 92 31.06 -16.51 -18.51
N VAL E 93 30.66 -15.24 -18.47
CA VAL E 93 29.54 -14.73 -19.25
C VAL E 93 30.08 -13.60 -20.13
N TYR E 94 29.82 -13.68 -21.44
CA TYR E 94 30.34 -12.71 -22.40
C TYR E 94 29.38 -11.55 -22.63
N TRP E 95 29.94 -10.34 -22.68
CA TRP E 95 29.18 -9.14 -23.04
C TRP E 95 28.61 -9.26 -24.45
N ASP E 96 27.29 -9.14 -24.56
CA ASP E 96 26.62 -8.92 -25.86
C ASP E 96 26.12 -7.49 -25.92
N ARG E 97 26.64 -6.72 -26.88
CA ARG E 97 26.40 -5.27 -26.93
C ARG E 97 24.96 -4.93 -27.26
N ASP E 98 24.19 -5.86 -27.81
CA ASP E 98 22.77 -5.60 -28.08
C ASP E 98 21.87 -5.97 -26.92
N MET E 99 22.42 -6.39 -25.79
CA MET E 99 21.59 -7.06 -24.79
C MET E 99 21.75 -6.52 -23.40
N MET F 1 18.08 4.36 13.70
CA MET F 1 18.49 3.77 14.98
C MET F 1 18.14 2.28 15.06
N LEU F 3 17.78 -1.84 16.02
CA LEU F 3 17.18 -2.66 17.05
C LEU F 3 18.24 -3.50 17.75
N ARG F 4 18.18 -3.59 19.07
CA ARG F 4 19.00 -4.53 19.83
C ARG F 4 18.14 -5.74 20.18
N MET F 5 18.48 -6.91 19.63
CA MET F 5 17.81 -8.15 19.97
C MET F 5 18.13 -8.55 21.43
N THR F 6 17.18 -9.19 22.09
CA THR F 6 17.38 -9.71 23.44
C THR F 6 17.70 -11.20 23.47
N ALA F 7 16.70 -12.06 23.71
CA ALA F 7 16.93 -13.51 23.71
C ALA F 7 17.51 -13.98 22.39
N VAL F 8 18.53 -14.83 22.47
CA VAL F 8 19.20 -15.32 21.26
C VAL F 8 18.40 -16.51 20.74
N MET F 9 18.83 -17.05 19.61
CA MET F 9 18.08 -18.12 18.98
C MET F 9 18.22 -19.40 19.82
#